data_4FTS
#
_entry.id   4FTS
#
_cell.length_a   326.040
_cell.length_b   326.040
_cell.length_c   770.150
_cell.angle_alpha   90.000
_cell.angle_beta   90.000
_cell.angle_gamma   120.000
#
_symmetry.space_group_name_H-M   'H 3'
#
loop_
_entity.id
_entity.type
_entity.pdbx_description
1 polymer 'Capsid protein alpha'
2 polymer 'Random cellular RNAs'
3 non-polymer 'CALCIUM ION'
4 non-polymer '4-(2-HYDROXYETHYL)-1-PIPERAZINE ETHANESULFONIC ACID'
5 non-polymer 'CHLORIDE ION'
6 non-polymer 'SULFATE ION'
7 water water
#
loop_
_entity_poly.entity_id
_entity_poly.type
_entity_poly.pdbx_seq_one_letter_code
_entity_poly.pdbx_strand_id
1 'polypeptide(L)'
;MVNNNRPRRQRAQRVVVTTTQTAPVPQQNVPRNGRRRRNRTRRNRRRVRGMNMAALTRLSQPGLAFLKCAFAPPDFNTDP
GKGIPDRFEGKVVSRKDVLNQSISFTAGQDTFILIAPTPGVAYWSASVPAGTFPTSATTFNPVNYPGFTSMFGTTSTSRS
DQVSSFRYASMNVGIYPTSNLMQFAGSITVWKCPVKLSTVQFPVATDPATSSLVHTLVGLDGVLAVGPDNFSESFIKGVF
SQSACNEPDFEFNDILEGIQTLPPANVSLGSTGQPFTMDSGAEATSGVVGWGNMDTIVIRVSAPEGAVNSAILKAWSCIE
YRPNPNAMLYQFGHDSPPLDEVALQEYRTVARSLPVAVIAAQTASMWERVKSIIKSSLAAASNIPGPIGVAASGISGLSA
LFEGFGF
;
A,B,C
2 'polyribonucleotide' UUUCUCUUUUAUCUU R
#
loop_
_chem_comp.id
_chem_comp.type
_chem_comp.name
_chem_comp.formula
A RNA linking ADENOSINE-5'-MONOPHOSPHATE 'C10 H14 N5 O7 P'
C RNA linking CYTIDINE-5'-MONOPHOSPHATE 'C9 H14 N3 O8 P'
CA non-polymer 'CALCIUM ION' 'Ca 2'
CL non-polymer 'CHLORIDE ION' 'Cl -1'
EPE non-polymer '4-(2-HYDROXYETHYL)-1-PIPERAZINE ETHANESULFONIC ACID' 'C8 H18 N2 O4 S'
SO4 non-polymer 'SULFATE ION' 'O4 S -2'
U RNA linking URIDINE-5'-MONOPHOSPHATE 'C9 H13 N2 O9 P'
#
# COMPACT_ATOMS: atom_id res chain seq x y z
N THR A 57 8.57 -6.60 -30.29
CA THR A 57 7.22 -7.21 -30.06
C THR A 57 6.14 -6.15 -30.30
N ARG A 58 4.88 -6.56 -30.18
CA ARG A 58 3.74 -5.66 -30.35
C ARG A 58 2.77 -5.76 -29.17
N LEU A 59 1.78 -4.87 -29.18
CA LEU A 59 0.77 -4.77 -28.14
C LEU A 59 -0.39 -5.72 -28.30
N SER A 60 -1.06 -5.98 -27.18
CA SER A 60 -2.22 -6.84 -27.20
C SER A 60 -3.45 -5.98 -27.48
N GLN A 61 -4.58 -6.60 -27.76
CA GLN A 61 -5.80 -5.83 -28.02
C GLN A 61 -6.06 -4.96 -26.79
N PRO A 62 -6.11 -5.57 -25.59
CA PRO A 62 -6.36 -4.85 -24.35
C PRO A 62 -5.31 -3.80 -24.00
N GLY A 63 -4.06 -4.13 -24.32
CA GLY A 63 -2.95 -3.24 -24.05
C GLY A 63 -3.03 -2.00 -24.93
N LEU A 64 -3.62 -2.17 -26.09
CA LEU A 64 -3.78 -1.04 -26.99
C LEU A 64 -4.96 -0.20 -26.49
N ALA A 65 -6.08 -0.88 -26.23
CA ALA A 65 -7.29 -0.23 -25.72
C ALA A 65 -6.92 0.55 -24.47
N PHE A 66 -6.14 -0.09 -23.60
CA PHE A 66 -5.68 0.53 -22.36
C PHE A 66 -4.97 1.85 -22.65
N LEU A 67 -4.18 1.91 -23.70
CA LEU A 67 -3.48 3.15 -24.02
C LEU A 67 -4.41 4.21 -24.61
N LYS A 68 -5.54 3.78 -25.14
CA LYS A 68 -6.52 4.70 -25.71
C LYS A 68 -7.39 5.30 -24.60
N CYS A 69 -7.93 4.44 -23.73
CA CYS A 69 -8.75 4.97 -22.65
C CYS A 69 -7.87 5.95 -21.90
N ALA A 70 -6.60 5.63 -21.83
CA ALA A 70 -5.63 6.44 -21.12
C ALA A 70 -5.39 7.85 -21.64
N PHE A 71 -5.10 7.98 -22.93
CA PHE A 71 -4.85 9.29 -23.53
C PHE A 71 -5.75 9.62 -24.71
N ALA A 72 -6.53 8.63 -25.14
CA ALA A 72 -7.43 8.80 -26.27
C ALA A 72 -8.62 9.74 -26.05
N PRO A 73 -8.95 10.48 -27.08
CA PRO A 73 -10.08 11.42 -27.04
C PRO A 73 -11.35 10.62 -26.85
N PRO A 74 -12.29 11.15 -26.07
CA PRO A 74 -13.54 10.43 -25.84
C PRO A 74 -14.55 10.53 -26.98
N ASP A 75 -14.22 11.28 -28.01
CA ASP A 75 -15.10 11.46 -29.16
C ASP A 75 -14.80 10.38 -30.18
N PHE A 76 -13.89 9.49 -29.80
CA PHE A 76 -13.45 8.37 -30.63
C PHE A 76 -14.20 7.09 -30.30
N ASN A 77 -15.26 7.19 -29.51
CA ASN A 77 -16.01 6.00 -29.14
C ASN A 77 -14.99 5.09 -28.51
N THR A 78 -14.18 5.68 -27.66
CA THR A 78 -13.14 4.94 -26.97
C THR A 78 -13.71 3.76 -26.23
N ASP A 79 -13.02 2.63 -26.38
CA ASP A 79 -13.39 1.39 -25.77
C ASP A 79 -12.83 1.41 -24.36
N PRO A 80 -13.66 1.04 -23.40
CA PRO A 80 -13.21 1.01 -22.02
C PRO A 80 -12.06 0.04 -22.07
N GLY A 81 -12.24 -0.96 -22.93
CA GLY A 81 -11.25 -1.98 -23.11
C GLY A 81 -11.51 -2.96 -22.01
N LYS A 82 -10.70 -3.99 -21.93
CA LYS A 82 -10.92 -4.98 -20.89
C LYS A 82 -10.28 -4.48 -19.61
N GLY A 83 -9.62 -3.33 -19.67
CA GLY A 83 -9.01 -2.86 -18.43
C GLY A 83 -7.51 -2.59 -18.44
N ILE A 84 -6.83 -2.90 -17.34
CA ILE A 84 -5.40 -2.67 -17.26
C ILE A 84 -4.58 -3.93 -17.46
N PRO A 85 -3.62 -3.85 -18.38
CA PRO A 85 -2.77 -4.99 -18.66
C PRO A 85 -1.58 -4.94 -17.72
N ASP A 86 -1.63 -5.80 -16.71
CA ASP A 86 -0.58 -5.88 -15.71
C ASP A 86 -0.57 -7.30 -15.20
N ARG A 87 0.21 -7.55 -14.15
CA ARG A 87 0.28 -8.88 -13.60
C ARG A 87 -1.10 -9.36 -13.18
N PHE A 88 -1.90 -8.48 -12.60
CA PHE A 88 -3.25 -8.84 -12.15
C PHE A 88 -4.23 -9.24 -13.25
N GLU A 89 -4.88 -10.37 -13.04
CA GLU A 89 -5.86 -10.91 -13.98
C GLU A 89 -7.17 -11.28 -13.29
N GLY A 90 -7.41 -10.69 -12.13
CA GLY A 90 -8.61 -10.93 -11.34
C GLY A 90 -9.89 -10.33 -11.90
N LYS A 91 -11.02 -10.84 -11.42
CA LYS A 91 -12.32 -10.36 -11.87
C LYS A 91 -12.49 -8.89 -11.54
N VAL A 92 -12.99 -8.12 -12.51
CA VAL A 92 -13.19 -6.70 -12.32
C VAL A 92 -14.24 -6.20 -13.30
N VAL A 93 -14.74 -4.99 -13.05
CA VAL A 93 -15.75 -4.39 -13.90
C VAL A 93 -15.17 -3.05 -14.36
N SER A 94 -15.15 -2.84 -15.67
CA SER A 94 -14.63 -1.62 -16.26
C SER A 94 -15.75 -0.63 -16.40
N ARG A 95 -15.52 0.60 -15.92
CA ARG A 95 -16.53 1.65 -16.03
C ARG A 95 -15.90 2.86 -16.69
N LYS A 96 -16.56 3.36 -17.72
CA LYS A 96 -16.09 4.54 -18.43
C LYS A 96 -17.02 5.70 -18.07
N ASP A 97 -16.64 6.44 -17.02
CA ASP A 97 -17.40 7.58 -16.49
C ASP A 97 -17.18 8.83 -17.36
N VAL A 98 -18.30 9.43 -17.79
CA VAL A 98 -18.25 10.63 -18.63
C VAL A 98 -19.27 11.64 -18.19
N LEU A 99 -18.78 12.85 -18.00
CA LEU A 99 -19.63 13.95 -17.59
C LEU A 99 -19.56 15.12 -18.53
N ASN A 100 -20.73 15.65 -18.90
CA ASN A 100 -20.77 16.84 -19.73
C ASN A 100 -21.44 17.92 -18.91
N GLN A 101 -20.68 18.97 -18.58
CA GLN A 101 -21.20 20.05 -17.76
C GLN A 101 -21.17 21.42 -18.41
N SER A 102 -22.34 21.99 -18.68
CA SER A 102 -22.43 23.33 -19.27
C SER A 102 -22.19 24.23 -18.09
N ILE A 103 -21.30 25.21 -18.22
CA ILE A 103 -21.04 26.09 -17.09
C ILE A 103 -20.58 27.51 -17.40
N SER A 104 -21.13 28.47 -16.63
CA SER A 104 -20.80 29.89 -16.80
C SER A 104 -19.93 30.36 -15.65
N PHE A 105 -18.86 31.06 -16.01
CA PHE A 105 -17.91 31.53 -15.01
C PHE A 105 -18.16 32.95 -14.60
N THR A 106 -18.33 33.09 -13.28
CA THR A 106 -18.57 34.36 -12.60
C THR A 106 -17.46 35.34 -12.93
N ALA A 107 -17.84 36.52 -13.43
CA ALA A 107 -16.84 37.54 -13.78
C ALA A 107 -16.14 38.07 -12.53
N GLY A 108 -14.92 38.57 -12.68
CA GLY A 108 -14.18 39.08 -11.54
C GLY A 108 -13.81 37.98 -10.55
N GLN A 109 -14.06 36.73 -10.96
CA GLN A 109 -13.77 35.56 -10.15
C GLN A 109 -12.70 34.70 -10.79
N ASP A 110 -12.03 33.90 -9.98
CA ASP A 110 -11.04 32.96 -10.46
C ASP A 110 -11.61 31.65 -9.98
N THR A 111 -12.24 30.89 -10.88
CA THR A 111 -12.84 29.62 -10.50
C THR A 111 -11.80 28.50 -10.56
N PHE A 112 -11.74 27.70 -9.49
CA PHE A 112 -10.80 26.59 -9.39
C PHE A 112 -11.50 25.24 -9.49
N ILE A 113 -11.15 24.48 -10.52
CA ILE A 113 -11.74 23.17 -10.73
C ILE A 113 -10.66 22.15 -10.45
N LEU A 114 -10.97 21.17 -9.62
CA LEU A 114 -10.01 20.15 -9.29
C LEU A 114 -10.48 18.78 -9.73
N ILE A 115 -9.62 18.08 -10.46
CA ILE A 115 -9.94 16.76 -10.94
C ILE A 115 -9.17 15.92 -9.94
N ALA A 116 -9.89 15.12 -9.17
CA ALA A 116 -9.24 14.28 -8.18
C ALA A 116 -9.65 12.85 -8.36
N PRO A 117 -8.84 11.94 -7.85
CA PRO A 117 -9.16 10.52 -7.97
C PRO A 117 -10.17 10.08 -6.95
N THR A 118 -11.35 10.69 -7.01
CA THR A 118 -12.44 10.37 -6.11
C THR A 118 -13.46 9.74 -7.01
N PRO A 119 -13.79 8.50 -6.74
CA PRO A 119 -14.76 7.79 -7.57
C PRO A 119 -16.17 8.34 -7.50
N GLY A 120 -16.81 8.44 -8.67
CA GLY A 120 -18.16 8.93 -8.78
C GLY A 120 -18.26 10.44 -8.83
N VAL A 121 -17.13 11.13 -8.64
CA VAL A 121 -17.16 12.58 -8.68
C VAL A 121 -16.30 13.10 -9.81
N ALA A 122 -16.92 13.79 -10.76
CA ALA A 122 -16.18 14.33 -11.87
C ALA A 122 -15.18 15.39 -11.48
N TYR A 123 -15.60 16.33 -10.65
CA TYR A 123 -14.71 17.39 -10.23
C TYR A 123 -15.21 18.17 -9.03
N TRP A 124 -14.33 18.96 -8.44
CA TRP A 124 -14.67 19.76 -7.28
C TRP A 124 -14.45 21.19 -7.69
N SER A 125 -15.44 22.04 -7.47
CA SER A 125 -15.30 23.45 -7.85
C SER A 125 -15.51 24.47 -6.74
N ALA A 126 -14.65 25.47 -6.73
CA ALA A 126 -14.70 26.55 -5.75
C ALA A 126 -14.29 27.82 -6.47
N SER A 127 -14.74 28.97 -5.99
CA SER A 127 -14.37 30.23 -6.64
C SER A 127 -13.87 31.27 -5.65
N VAL A 128 -12.89 32.05 -6.07
CA VAL A 128 -12.32 33.10 -5.25
C VAL A 128 -12.13 34.34 -6.08
N PRO A 129 -12.05 35.49 -5.43
CA PRO A 129 -11.88 36.75 -6.15
C PRO A 129 -10.69 36.71 -7.10
N ALA A 130 -10.88 37.26 -8.29
CA ALA A 130 -9.80 37.29 -9.29
C ALA A 130 -8.46 37.66 -8.62
N GLY A 131 -7.38 37.01 -9.06
CA GLY A 131 -6.06 37.28 -8.51
C GLY A 131 -5.75 36.55 -7.22
N THR A 132 -6.69 35.79 -6.67
CA THR A 132 -6.41 35.09 -5.43
C THR A 132 -6.54 33.60 -5.60
N PHE A 133 -6.10 32.88 -4.57
CA PHE A 133 -6.15 31.43 -4.52
C PHE A 133 -6.99 31.05 -3.32
N PRO A 134 -7.41 29.78 -3.26
CA PRO A 134 -8.23 29.25 -2.16
C PRO A 134 -7.58 29.59 -0.83
N THR A 135 -8.42 29.68 0.20
CA THR A 135 -7.95 29.98 1.54
C THR A 135 -8.71 29.11 2.51
N SER A 136 -8.36 29.24 3.78
CA SER A 136 -9.00 28.46 4.84
C SER A 136 -10.49 28.67 4.75
N ALA A 137 -10.84 29.85 4.27
CA ALA A 137 -12.23 30.24 4.12
C ALA A 137 -12.83 29.67 2.85
N THR A 138 -12.21 28.64 2.29
CA THR A 138 -12.73 28.06 1.06
C THR A 138 -13.19 26.63 1.21
N THR A 139 -14.23 26.29 0.45
CA THR A 139 -14.79 24.96 0.45
C THR A 139 -15.12 24.55 -0.99
N PHE A 140 -14.64 23.38 -1.38
CA PHE A 140 -14.87 22.85 -2.72
C PHE A 140 -16.05 21.91 -2.76
N ASN A 141 -16.93 22.11 -3.73
CA ASN A 141 -18.11 21.28 -3.88
C ASN A 141 -18.02 20.41 -5.13
N PRO A 142 -18.21 19.11 -4.93
CA PRO A 142 -18.17 18.11 -5.98
C PRO A 142 -19.34 18.03 -6.94
N VAL A 143 -19.06 17.69 -8.19
CA VAL A 143 -20.08 17.56 -9.20
C VAL A 143 -19.96 16.09 -9.53
N ASN A 144 -20.98 15.31 -9.24
CA ASN A 144 -20.97 13.89 -9.52
C ASN A 144 -21.11 13.43 -10.96
N TYR A 145 -20.57 12.25 -11.24
CA TYR A 145 -20.62 11.64 -12.55
C TYR A 145 -22.04 11.09 -12.54
N PRO A 146 -22.56 10.74 -13.70
CA PRO A 146 -23.93 10.21 -13.74
C PRO A 146 -24.07 8.93 -12.92
N GLY A 147 -25.22 8.77 -12.28
CA GLY A 147 -25.53 7.61 -11.47
C GLY A 147 -24.61 7.35 -10.28
N PHE A 148 -24.21 8.40 -9.58
CA PHE A 148 -23.33 8.23 -8.43
C PHE A 148 -24.00 7.31 -7.42
N THR A 149 -25.27 7.57 -7.15
CA THR A 149 -26.03 6.80 -6.18
C THR A 149 -26.20 5.34 -6.52
N SER A 150 -26.33 5.05 -7.82
CA SER A 150 -26.52 3.68 -8.27
C SER A 150 -25.30 2.80 -7.96
N MET A 151 -24.19 3.47 -7.61
CA MET A 151 -22.91 2.81 -7.31
C MET A 151 -22.55 2.81 -5.84
N PHE A 152 -22.81 3.94 -5.19
CA PHE A 152 -22.46 4.06 -3.81
C PHE A 152 -23.58 4.41 -2.86
N GLY A 153 -24.77 3.93 -3.18
CA GLY A 153 -25.91 4.17 -2.33
C GLY A 153 -26.24 5.61 -1.96
N THR A 154 -26.94 5.76 -0.86
CA THR A 154 -27.39 7.07 -0.37
C THR A 154 -27.05 7.37 1.09
N THR A 155 -26.17 6.55 1.65
CA THR A 155 -25.72 6.70 3.03
C THR A 155 -24.23 6.85 2.98
N SER A 156 -23.66 7.47 4.01
CA SER A 156 -22.22 7.59 4.04
C SER A 156 -21.65 6.22 4.38
N THR A 157 -22.52 5.21 4.57
CA THR A 157 -22.06 3.86 4.89
C THR A 157 -22.61 2.81 3.90
N SER A 158 -22.83 3.26 2.66
CA SER A 158 -23.37 2.39 1.64
C SER A 158 -22.50 2.41 0.38
N ARG A 159 -21.25 2.81 0.55
CA ARG A 159 -20.34 2.90 -0.57
C ARG A 159 -19.81 1.53 -1.02
N SER A 160 -19.34 0.76 -0.03
CA SER A 160 -18.79 -0.58 -0.22
C SER A 160 -19.89 -1.62 -0.42
N ASP A 161 -21.08 -1.17 -0.81
CA ASP A 161 -22.17 -2.10 -1.00
C ASP A 161 -22.15 -2.72 -2.38
N GLN A 162 -21.66 -1.96 -3.35
CA GLN A 162 -21.61 -2.49 -4.70
C GLN A 162 -20.22 -3.00 -5.10
N VAL A 163 -19.19 -2.28 -4.68
CA VAL A 163 -17.81 -2.64 -5.01
C VAL A 163 -16.93 -2.49 -3.78
N SER A 164 -15.94 -3.36 -3.63
CA SER A 164 -15.05 -3.31 -2.48
C SER A 164 -13.83 -2.40 -2.65
N SER A 165 -13.25 -2.40 -3.85
CA SER A 165 -12.06 -1.58 -4.13
C SER A 165 -12.02 -1.13 -5.58
N PHE A 166 -10.95 -0.42 -5.94
CA PHE A 166 -10.82 0.11 -7.28
C PHE A 166 -9.39 0.60 -7.62
N ARG A 167 -9.22 0.96 -8.88
CA ARG A 167 -7.97 1.51 -9.35
C ARG A 167 -8.27 2.22 -10.67
N TYR A 168 -7.71 3.43 -10.78
CA TYR A 168 -7.91 4.27 -11.94
C TYR A 168 -6.97 3.90 -13.07
N ALA A 169 -7.44 4.07 -14.30
CA ALA A 169 -6.63 3.80 -15.48
C ALA A 169 -6.34 5.14 -16.16
N SER A 170 -7.39 5.93 -16.32
CA SER A 170 -7.27 7.24 -16.94
C SER A 170 -8.10 8.25 -16.17
N MET A 171 -7.79 9.51 -16.40
CA MET A 171 -8.52 10.59 -15.77
C MET A 171 -8.19 11.79 -16.62
N ASN A 172 -9.08 12.08 -17.55
CA ASN A 172 -8.88 13.22 -18.43
C ASN A 172 -9.95 14.27 -18.17
N VAL A 173 -9.75 15.45 -18.75
CA VAL A 173 -10.67 16.57 -18.60
C VAL A 173 -10.55 17.55 -19.78
N GLY A 174 -11.68 18.11 -20.19
CA GLY A 174 -11.67 19.05 -21.30
C GLY A 174 -12.62 20.21 -21.10
N ILE A 175 -12.22 21.37 -21.61
CA ILE A 175 -13.02 22.58 -21.51
C ILE A 175 -13.18 23.22 -22.87
N TYR A 176 -14.42 23.24 -23.34
CA TYR A 176 -14.76 23.76 -24.65
C TYR A 176 -15.59 25.02 -24.63
N PRO A 177 -14.94 26.20 -24.70
CA PRO A 177 -15.58 27.50 -24.69
C PRO A 177 -16.75 27.60 -25.67
N THR A 178 -17.87 28.13 -25.18
CA THR A 178 -19.09 28.31 -25.97
C THR A 178 -19.43 29.80 -26.13
N SER A 179 -18.57 30.65 -25.55
CA SER A 179 -18.72 32.10 -25.61
C SER A 179 -18.47 32.61 -27.02
N ASN A 180 -19.05 33.76 -27.38
CA ASN A 180 -18.80 34.32 -28.70
C ASN A 180 -17.41 34.93 -28.58
N LEU A 181 -16.96 35.66 -29.59
CA LEU A 181 -15.60 36.17 -29.55
C LEU A 181 -15.28 37.53 -29.01
N MET A 182 -16.29 38.26 -28.58
CA MET A 182 -16.05 39.56 -28.02
C MET A 182 -16.44 39.51 -26.56
N GLN A 183 -17.45 38.71 -26.25
CA GLN A 183 -17.96 38.61 -24.89
C GLN A 183 -17.00 38.01 -23.86
N PHE A 184 -16.24 37.03 -24.30
CA PHE A 184 -15.26 36.32 -23.46
C PHE A 184 -14.04 37.12 -23.04
N ALA A 185 -13.49 36.72 -21.89
CA ALA A 185 -12.31 37.35 -21.33
C ALA A 185 -11.70 36.36 -20.35
N GLY A 186 -10.46 36.61 -19.95
CA GLY A 186 -9.78 35.73 -19.01
C GLY A 186 -8.89 34.66 -19.61
N SER A 187 -8.30 33.85 -18.74
CA SER A 187 -7.42 32.78 -19.17
C SER A 187 -7.59 31.48 -18.40
N ILE A 188 -7.16 30.39 -19.00
CA ILE A 188 -7.24 29.06 -18.40
C ILE A 188 -5.82 28.65 -18.07
N THR A 189 -5.61 28.17 -16.85
CA THR A 189 -4.29 27.76 -16.44
C THR A 189 -4.39 26.40 -15.78
N VAL A 190 -3.44 25.53 -16.10
CA VAL A 190 -3.44 24.18 -15.56
C VAL A 190 -2.09 23.70 -15.07
N TRP A 191 -2.15 22.95 -13.98
CA TRP A 191 -0.99 22.32 -13.38
C TRP A 191 -1.53 21.14 -12.60
N LYS A 192 -0.67 20.18 -12.24
CA LYS A 192 -1.14 19.01 -11.51
C LYS A 192 -0.52 18.89 -10.13
N CYS A 193 -1.28 18.35 -9.17
CA CYS A 193 -0.77 18.21 -7.82
C CYS A 193 -0.76 16.79 -7.34
N PRO A 194 0.33 16.42 -6.65
CA PRO A 194 0.49 15.07 -6.11
C PRO A 194 -0.31 14.95 -4.82
N VAL A 195 -1.61 15.24 -4.89
CA VAL A 195 -2.41 15.14 -3.69
C VAL A 195 -2.73 13.72 -3.35
N LYS A 196 -2.38 13.38 -2.11
CA LYS A 196 -2.57 12.05 -1.56
C LYS A 196 -3.37 12.13 -0.27
N LEU A 197 -4.10 11.06 0.06
CA LEU A 197 -4.90 11.02 1.25
C LEU A 197 -4.17 10.34 2.42
N SER A 198 -3.72 11.15 3.38
CA SER A 198 -3.01 10.60 4.52
C SER A 198 -3.85 10.57 5.79
N THR A 199 -3.18 10.87 6.91
CA THR A 199 -3.79 10.87 8.24
C THR A 199 -3.03 11.81 9.17
N VAL A 200 -3.79 12.37 10.10
CA VAL A 200 -3.25 13.29 11.07
C VAL A 200 -3.51 12.79 12.50
N GLN A 201 -2.50 12.96 13.33
CA GLN A 201 -2.54 12.53 14.72
C GLN A 201 -2.41 13.66 15.73
N PHE A 202 -3.50 13.91 16.44
CA PHE A 202 -3.51 14.96 17.47
C PHE A 202 -4.30 14.46 18.67
N PRO A 203 -3.96 14.99 19.87
CA PRO A 203 -4.61 14.62 21.12
C PRO A 203 -5.87 15.46 21.37
N VAL A 204 -6.78 14.91 22.17
CA VAL A 204 -8.03 15.61 22.50
C VAL A 204 -8.31 15.51 24.00
N ALA A 205 -8.57 16.66 24.62
CA ALA A 205 -8.83 16.71 26.06
C ALA A 205 -10.27 16.36 26.41
N THR A 206 -10.57 15.06 26.38
CA THR A 206 -11.89 14.56 26.72
C THR A 206 -11.70 13.84 28.05
N ASP A 207 -12.75 13.18 28.53
CA ASP A 207 -12.63 12.44 29.78
C ASP A 207 -12.99 10.98 29.61
N PRO A 208 -11.98 10.11 29.68
CA PRO A 208 -10.56 10.48 29.89
C PRO A 208 -9.88 11.05 28.65
N ALA A 209 -8.71 11.64 28.82
CA ALA A 209 -7.97 12.25 27.71
C ALA A 209 -7.63 11.20 26.66
N THR A 210 -7.78 11.58 25.38
CA THR A 210 -7.52 10.67 24.27
C THR A 210 -6.74 11.28 23.09
N SER A 211 -6.40 10.42 22.13
CA SER A 211 -5.66 10.82 20.94
C SER A 211 -6.56 10.57 19.72
N SER A 212 -6.65 11.54 18.82
CA SER A 212 -7.47 11.39 17.62
C SER A 212 -6.71 11.31 16.31
N LEU A 213 -7.12 10.36 15.47
CA LEU A 213 -6.49 10.15 14.17
C LEU A 213 -7.54 10.18 13.06
N VAL A 214 -7.32 11.00 12.04
CA VAL A 214 -8.26 11.08 10.95
C VAL A 214 -7.64 11.41 9.61
N HIS A 215 -8.45 11.22 8.58
CA HIS A 215 -8.02 11.49 7.24
C HIS A 215 -7.68 12.94 7.03
N THR A 216 -6.66 13.16 6.24
CA THR A 216 -6.25 14.50 5.92
C THR A 216 -5.53 14.45 4.58
N LEU A 217 -5.96 15.29 3.66
CA LEU A 217 -5.33 15.35 2.37
C LEU A 217 -4.03 16.17 2.42
N VAL A 218 -2.96 15.55 1.92
CA VAL A 218 -1.65 16.18 1.91
C VAL A 218 -1.26 16.67 0.50
N GLY A 219 -0.62 17.83 0.44
CA GLY A 219 -0.19 18.34 -0.84
C GLY A 219 -1.19 19.22 -1.54
N LEU A 220 -2.15 19.70 -0.76
CA LEU A 220 -3.18 20.60 -1.27
C LEU A 220 -2.58 21.99 -1.35
N ASP A 221 -1.59 22.22 -0.49
CA ASP A 221 -0.93 23.50 -0.44
C ASP A 221 -0.38 23.81 -1.83
N GLY A 222 -0.42 22.83 -2.71
CA GLY A 222 0.08 23.05 -4.07
C GLY A 222 -0.92 23.76 -4.96
N VAL A 223 -2.16 23.85 -4.50
CA VAL A 223 -3.20 24.51 -5.27
C VAL A 223 -3.19 26.02 -5.04
N LEU A 224 -2.51 26.43 -3.97
CA LEU A 224 -2.46 27.84 -3.60
C LEU A 224 -1.43 28.64 -4.39
N ALA A 225 -0.93 28.04 -5.47
CA ALA A 225 0.04 28.69 -6.35
C ALA A 225 0.06 27.97 -7.69
N VAL A 226 0.50 28.66 -8.73
CA VAL A 226 0.54 28.05 -10.06
C VAL A 226 1.87 27.30 -10.31
N GLY A 227 1.78 25.98 -10.25
CA GLY A 227 2.94 25.13 -10.44
C GLY A 227 3.75 25.54 -11.65
N PRO A 228 5.09 25.53 -11.56
CA PRO A 228 5.96 25.93 -12.67
C PRO A 228 5.65 25.12 -13.94
N ASP A 229 5.43 23.81 -13.78
CA ASP A 229 5.09 22.94 -14.91
C ASP A 229 3.60 23.14 -15.10
N ASN A 230 3.26 24.06 -16.01
CA ASN A 230 1.87 24.43 -16.29
C ASN A 230 1.56 24.87 -17.70
N PHE A 231 0.28 24.77 -18.04
CA PHE A 231 -0.25 25.20 -19.32
C PHE A 231 -0.97 26.48 -19.00
N SER A 232 -0.84 27.48 -19.85
CA SER A 232 -1.54 28.72 -19.59
C SER A 232 -1.83 29.35 -20.93
N GLU A 233 -3.10 29.63 -21.19
CA GLU A 233 -3.49 30.24 -22.46
C GLU A 233 -4.86 30.90 -22.36
N SER A 234 -5.19 31.72 -23.37
CA SER A 234 -6.47 32.41 -23.44
C SER A 234 -7.63 31.47 -23.18
N PHE A 235 -8.60 31.98 -22.44
CA PHE A 235 -9.77 31.19 -22.10
C PHE A 235 -10.39 30.53 -23.33
N ILE A 236 -10.75 31.36 -24.29
CA ILE A 236 -11.40 30.91 -25.50
C ILE A 236 -10.78 29.70 -26.21
N LYS A 237 -9.47 29.58 -26.13
CA LYS A 237 -8.75 28.48 -26.79
C LYS A 237 -9.07 27.10 -26.23
N GLY A 238 -9.80 27.10 -25.11
CA GLY A 238 -10.19 25.88 -24.46
C GLY A 238 -8.99 25.21 -23.87
N VAL A 239 -9.17 23.93 -23.55
CA VAL A 239 -8.10 23.14 -22.98
C VAL A 239 -8.48 21.66 -22.82
N PHE A 240 -7.44 20.83 -22.87
CA PHE A 240 -7.55 19.39 -22.71
C PHE A 240 -6.31 18.93 -21.95
N SER A 241 -6.51 18.08 -20.96
CA SER A 241 -5.41 17.56 -20.17
C SER A 241 -5.81 16.21 -19.57
N GLN A 242 -4.80 15.46 -19.13
CA GLN A 242 -5.03 14.15 -18.54
C GLN A 242 -4.04 13.85 -17.45
N SER A 243 -4.38 12.89 -16.60
CA SER A 243 -3.49 12.53 -15.51
C SER A 243 -3.11 11.06 -15.63
N ALA A 244 -2.06 10.68 -14.89
CA ALA A 244 -1.57 9.31 -14.91
C ALA A 244 -1.22 8.76 -13.53
N CYS A 245 -1.14 7.43 -13.45
CA CYS A 245 -0.84 6.73 -12.22
C CYS A 245 0.38 7.33 -11.55
N ASN A 246 0.23 7.85 -10.32
CA ASN A 246 1.35 8.44 -9.60
C ASN A 246 2.16 7.41 -8.80
N GLU A 247 1.95 6.13 -9.13
CA GLU A 247 2.62 4.99 -8.47
C GLU A 247 3.34 4.12 -9.52
N PRO A 248 4.37 3.33 -9.14
CA PRO A 248 5.05 2.48 -10.13
C PRO A 248 4.09 1.38 -10.64
N ASP A 249 3.22 0.87 -9.77
CA ASP A 249 2.25 -0.15 -10.16
C ASP A 249 0.81 0.32 -9.95
N PHE A 250 -0.12 -0.42 -10.54
CA PHE A 250 -1.54 -0.12 -10.44
C PHE A 250 -2.17 -0.92 -9.33
N GLU A 251 -1.89 -0.55 -8.09
CA GLU A 251 -2.45 -1.30 -6.98
C GLU A 251 -3.89 -0.89 -6.69
N PHE A 252 -4.64 -1.77 -6.03
CA PHE A 252 -6.03 -1.46 -5.70
C PHE A 252 -6.15 -0.68 -4.40
N ASN A 253 -7.09 0.27 -4.36
CA ASN A 253 -7.33 1.03 -3.16
C ASN A 253 -8.71 0.60 -2.69
N ASP A 254 -8.94 0.66 -1.39
CA ASP A 254 -10.21 0.26 -0.86
C ASP A 254 -11.25 1.36 -0.99
N ILE A 255 -12.52 0.97 -0.84
CA ILE A 255 -13.60 1.92 -0.86
C ILE A 255 -13.66 2.45 0.59
N LEU A 256 -13.90 3.75 0.71
CA LEU A 256 -13.94 4.38 2.01
C LEU A 256 -15.35 4.70 2.51
N GLU A 257 -15.61 4.29 3.75
CA GLU A 257 -16.92 4.52 4.35
C GLU A 257 -16.94 5.72 5.28
N GLY A 258 -18.10 6.36 5.30
CA GLY A 258 -18.38 7.49 6.17
C GLY A 258 -17.80 8.82 5.84
N ILE A 259 -17.02 8.92 4.78
CA ILE A 259 -16.42 10.20 4.44
C ILE A 259 -17.33 11.12 3.67
N GLN A 260 -17.60 12.29 4.26
CA GLN A 260 -18.48 13.29 3.67
C GLN A 260 -17.79 14.64 3.62
N THR A 261 -16.90 14.87 4.57
CA THR A 261 -16.18 16.14 4.60
C THR A 261 -14.76 15.97 5.07
N LEU A 262 -13.91 16.87 4.62
CA LEU A 262 -12.50 16.89 4.99
C LEU A 262 -12.02 18.34 5.07
N PRO A 263 -11.71 18.82 6.30
CA PRO A 263 -11.78 18.08 7.57
C PRO A 263 -13.12 17.42 7.88
N PRO A 264 -13.07 16.25 8.52
CA PRO A 264 -14.32 15.57 8.85
C PRO A 264 -15.10 16.35 9.89
N ALA A 265 -16.31 15.87 10.17
CA ALA A 265 -17.17 16.51 11.14
C ALA A 265 -16.49 16.49 12.49
N ASN A 266 -16.52 17.62 13.17
CA ASN A 266 -15.94 17.80 14.52
C ASN A 266 -14.44 17.98 14.54
N VAL A 267 -13.87 18.35 13.40
CA VAL A 267 -12.43 18.59 13.31
C VAL A 267 -12.18 19.94 12.70
N SER A 268 -11.30 20.71 13.33
CA SER A 268 -11.02 22.04 12.82
C SER A 268 -10.02 21.93 11.69
N LEU A 269 -10.15 22.83 10.72
CA LEU A 269 -9.24 22.83 9.60
C LEU A 269 -7.82 23.03 10.10
N GLY A 270 -7.69 23.49 11.34
CA GLY A 270 -6.37 23.72 11.90
C GLY A 270 -5.69 22.43 12.31
N SER A 271 -6.48 21.47 12.75
CA SER A 271 -5.99 20.17 13.19
C SER A 271 -5.46 19.34 12.03
N THR A 272 -6.02 19.53 10.84
CA THR A 272 -5.62 18.77 9.65
C THR A 272 -4.40 19.28 8.86
N GLY A 273 -4.13 20.57 8.87
CA GLY A 273 -3.01 21.04 8.09
C GLY A 273 -3.51 21.40 6.70
N GLN A 274 -4.61 20.78 6.29
CA GLN A 274 -5.19 21.07 4.96
C GLN A 274 -5.42 22.57 4.83
N PRO A 275 -4.97 23.18 3.73
CA PRO A 275 -5.15 24.62 3.50
C PRO A 275 -6.62 25.09 3.33
N PHE A 276 -7.50 24.19 2.91
CA PHE A 276 -8.92 24.53 2.75
C PHE A 276 -9.81 23.31 2.98
N THR A 277 -11.10 23.47 2.68
CA THR A 277 -12.04 22.38 2.95
C THR A 277 -12.68 21.69 1.76
N MET A 278 -13.10 20.47 2.01
CA MET A 278 -13.74 19.62 1.01
C MET A 278 -15.08 19.14 1.54
N ASP A 279 -16.16 19.55 0.88
CA ASP A 279 -17.50 19.15 1.32
C ASP A 279 -18.29 18.52 0.18
N SER A 280 -18.72 17.28 0.38
CA SER A 280 -19.52 16.57 -0.61
C SER A 280 -21.02 16.78 -0.35
N GLY A 281 -21.35 17.25 0.86
CA GLY A 281 -22.73 17.52 1.20
C GLY A 281 -23.57 16.35 1.64
N ALA A 282 -24.83 16.36 1.22
CA ALA A 282 -25.78 15.32 1.60
C ALA A 282 -25.29 13.96 1.24
N GLU A 283 -25.17 13.11 2.26
CA GLU A 283 -24.72 11.76 2.05
C GLU A 283 -25.67 11.00 1.14
N ALA A 284 -26.75 11.66 0.75
CA ALA A 284 -27.74 11.02 -0.10
C ALA A 284 -27.60 11.45 -1.55
N THR A 285 -26.68 12.35 -1.81
CA THR A 285 -26.47 12.83 -3.18
C THR A 285 -25.01 12.68 -3.63
N SER A 286 -24.08 12.73 -2.68
CA SER A 286 -22.65 12.60 -2.99
C SER A 286 -21.81 12.20 -1.77
N GLY A 287 -20.50 12.11 -1.97
CA GLY A 287 -19.60 11.73 -0.91
C GLY A 287 -18.25 11.24 -1.41
N VAL A 288 -17.31 11.10 -0.49
CA VAL A 288 -15.97 10.63 -0.82
C VAL A 288 -15.82 9.14 -0.56
N VAL A 289 -15.83 8.40 -1.67
CA VAL A 289 -15.78 6.95 -1.63
C VAL A 289 -14.41 6.31 -1.71
N GLY A 290 -13.38 7.15 -1.88
CA GLY A 290 -12.02 6.66 -1.98
C GLY A 290 -11.12 7.65 -2.70
N TRP A 291 -9.82 7.44 -2.54
CA TRP A 291 -8.83 8.32 -3.16
C TRP A 291 -7.84 7.48 -3.96
N GLY A 292 -7.88 7.65 -5.28
CA GLY A 292 -7.01 6.89 -6.16
C GLY A 292 -5.59 7.40 -6.32
N ASN A 293 -4.76 6.65 -7.03
CA ASN A 293 -3.38 7.05 -7.23
C ASN A 293 -3.14 7.70 -8.57
N MET A 294 -3.71 8.89 -8.70
CA MET A 294 -3.58 9.71 -9.90
C MET A 294 -3.30 11.11 -9.36
N ASP A 295 -2.42 11.82 -10.04
CA ASP A 295 -2.12 13.18 -9.63
C ASP A 295 -3.40 13.96 -9.88
N THR A 296 -3.65 14.96 -9.06
CA THR A 296 -4.86 15.73 -9.22
C THR A 296 -4.69 16.93 -10.14
N ILE A 297 -5.57 17.04 -11.13
CA ILE A 297 -5.47 18.14 -12.07
C ILE A 297 -6.10 19.41 -11.52
N VAL A 298 -5.41 20.53 -11.67
CA VAL A 298 -5.90 21.81 -11.18
C VAL A 298 -6.16 22.78 -12.35
N ILE A 299 -7.35 23.33 -12.41
CA ILE A 299 -7.66 24.24 -13.51
C ILE A 299 -8.15 25.57 -12.99
N ARG A 300 -7.43 26.64 -13.31
CA ARG A 300 -7.85 27.96 -12.87
C ARG A 300 -8.33 28.83 -14.02
N VAL A 301 -9.64 28.97 -14.09
CA VAL A 301 -10.28 29.79 -15.10
C VAL A 301 -10.39 31.19 -14.55
N SER A 302 -9.53 32.08 -15.03
CA SER A 302 -9.51 33.45 -14.57
C SER A 302 -10.44 34.31 -15.43
N ALA A 303 -11.59 34.68 -14.86
CA ALA A 303 -12.55 35.54 -15.55
C ALA A 303 -12.40 36.92 -14.95
N PRO A 304 -12.28 37.94 -15.80
CA PRO A 304 -12.15 39.28 -15.26
C PRO A 304 -13.53 39.91 -15.15
N GLU A 305 -13.56 41.19 -14.83
CA GLU A 305 -14.82 41.91 -14.71
C GLU A 305 -15.46 42.02 -16.10
N GLY A 306 -16.79 41.95 -16.14
CA GLY A 306 -17.53 42.06 -17.39
C GLY A 306 -17.18 41.04 -18.46
N ALA A 307 -16.67 39.92 -18.01
CA ALA A 307 -16.30 38.88 -18.94
C ALA A 307 -17.35 37.78 -18.93
N VAL A 308 -17.83 37.46 -20.12
CA VAL A 308 -18.80 36.39 -20.29
C VAL A 308 -18.07 35.11 -20.70
N ASN A 309 -17.80 34.24 -19.72
CA ASN A 309 -17.10 33.01 -19.99
C ASN A 309 -17.99 31.79 -19.78
N SER A 310 -18.52 31.30 -20.89
CA SER A 310 -19.39 30.14 -20.90
C SER A 310 -18.62 29.04 -21.61
N ALA A 311 -18.83 27.80 -21.20
CA ALA A 311 -18.13 26.68 -21.82
C ALA A 311 -18.66 25.35 -21.33
N ILE A 312 -18.23 24.27 -21.98
CA ILE A 312 -18.63 22.91 -21.59
C ILE A 312 -17.43 22.21 -21.04
N LEU A 313 -17.66 21.41 -20.02
CA LEU A 313 -16.59 20.68 -19.45
C LEU A 313 -16.92 19.20 -19.51
N LYS A 314 -15.94 18.40 -19.94
CA LYS A 314 -16.11 16.97 -20.02
C LYS A 314 -15.10 16.33 -19.08
N ALA A 315 -15.47 15.20 -18.51
CA ALA A 315 -14.58 14.50 -17.62
C ALA A 315 -14.63 12.99 -17.90
N TRP A 316 -13.45 12.41 -18.14
CA TRP A 316 -13.29 11.00 -18.44
C TRP A 316 -12.67 10.29 -17.29
N SER A 317 -12.98 9.02 -17.20
CA SER A 317 -12.45 8.26 -16.13
C SER A 317 -12.61 6.77 -16.38
N CYS A 318 -11.48 6.10 -16.63
CA CYS A 318 -11.49 4.67 -16.84
C CYS A 318 -11.16 4.04 -15.48
N ILE A 319 -12.13 3.39 -14.83
CA ILE A 319 -11.84 2.76 -13.53
C ILE A 319 -12.18 1.28 -13.54
N GLU A 320 -11.34 0.53 -12.83
CA GLU A 320 -11.48 -0.92 -12.72
C GLU A 320 -11.87 -1.12 -11.26
N TYR A 321 -13.05 -1.72 -11.04
CA TYR A 321 -13.54 -1.99 -9.69
C TYR A 321 -13.63 -3.47 -9.44
N ARG A 322 -13.47 -3.85 -8.18
CA ARG A 322 -13.59 -5.25 -7.82
C ARG A 322 -15.05 -5.36 -7.39
N PRO A 323 -15.89 -6.01 -8.22
CA PRO A 323 -17.32 -6.18 -7.93
C PRO A 323 -17.64 -7.16 -6.83
N ASN A 324 -18.68 -6.84 -6.07
CA ASN A 324 -19.16 -7.70 -5.01
C ASN A 324 -20.09 -8.69 -5.68
N PRO A 325 -19.93 -9.98 -5.37
CA PRO A 325 -20.75 -11.03 -5.94
C PRO A 325 -22.26 -10.75 -5.94
N ASN A 326 -22.72 -10.02 -4.92
CA ASN A 326 -24.14 -9.66 -4.75
C ASN A 326 -24.59 -8.49 -5.63
N ALA A 327 -23.66 -7.64 -6.04
CA ALA A 327 -23.97 -6.49 -6.89
C ALA A 327 -24.41 -6.86 -8.30
N MET A 328 -25.31 -6.05 -8.85
CA MET A 328 -25.83 -6.25 -10.20
C MET A 328 -24.73 -6.10 -11.24
N LEU A 329 -23.76 -5.25 -10.91
CA LEU A 329 -22.62 -4.96 -11.76
C LEU A 329 -21.73 -6.18 -12.00
N TYR A 330 -21.83 -7.17 -11.13
CA TYR A 330 -21.04 -8.38 -11.24
C TYR A 330 -21.24 -9.14 -12.56
N GLN A 331 -22.45 -9.16 -13.09
CA GLN A 331 -22.69 -9.87 -14.34
C GLN A 331 -21.83 -9.29 -15.46
N PHE A 332 -21.69 -7.97 -15.47
CA PHE A 332 -20.90 -7.26 -16.46
C PHE A 332 -19.39 -7.51 -16.39
N GLY A 333 -18.91 -7.91 -15.21
CA GLY A 333 -17.49 -8.18 -14.99
C GLY A 333 -16.80 -9.28 -15.77
N HIS A 334 -15.52 -9.06 -16.05
CA HIS A 334 -14.67 -9.98 -16.78
C HIS A 334 -13.37 -10.01 -16.01
N ASP A 335 -12.33 -10.58 -16.58
CA ASP A 335 -11.04 -10.66 -15.92
C ASP A 335 -10.13 -9.57 -16.43
N SER A 336 -9.31 -9.04 -15.55
CA SER A 336 -8.38 -7.98 -15.94
C SER A 336 -7.49 -8.59 -17.01
N PRO A 337 -7.11 -7.77 -17.98
CA PRO A 337 -6.25 -8.24 -19.07
C PRO A 337 -4.90 -8.72 -18.56
N PRO A 338 -4.34 -9.69 -19.27
CA PRO A 338 -3.04 -10.26 -18.92
C PRO A 338 -1.97 -9.20 -19.04
N LEU A 339 -0.89 -9.37 -18.29
CA LEU A 339 0.19 -8.40 -18.34
C LEU A 339 0.71 -8.22 -19.75
N ASP A 340 0.90 -6.96 -20.12
CA ASP A 340 1.40 -6.59 -21.45
C ASP A 340 2.54 -5.61 -21.29
N GLU A 341 3.70 -6.14 -20.95
CA GLU A 341 4.91 -5.36 -20.75
C GLU A 341 5.07 -4.16 -21.67
N VAL A 342 4.78 -4.35 -22.95
CA VAL A 342 4.92 -3.28 -23.93
C VAL A 342 4.09 -2.08 -23.52
N ALA A 343 2.78 -2.28 -23.48
CA ALA A 343 1.86 -1.22 -23.12
C ALA A 343 2.24 -0.57 -21.78
N LEU A 344 2.63 -1.39 -20.80
CA LEU A 344 3.00 -0.84 -19.51
C LEU A 344 4.21 0.09 -19.53
N GLN A 345 5.04 -0.03 -20.57
CA GLN A 345 6.20 0.82 -20.66
C GLN A 345 5.95 1.93 -21.65
N GLU A 346 4.91 1.77 -22.43
CA GLU A 346 4.54 2.78 -23.39
C GLU A 346 3.77 3.81 -22.60
N TYR A 347 2.78 3.32 -21.85
CA TYR A 347 1.96 4.16 -21.02
C TYR A 347 2.89 5.10 -20.28
N ARG A 348 3.84 4.51 -19.55
CA ARG A 348 4.82 5.28 -18.80
C ARG A 348 5.59 6.30 -19.62
N THR A 349 5.92 5.94 -20.86
CA THR A 349 6.68 6.81 -21.71
C THR A 349 5.84 7.89 -22.32
N VAL A 350 4.69 7.51 -22.85
CA VAL A 350 3.78 8.48 -23.46
C VAL A 350 3.45 9.53 -22.44
N ALA A 351 3.06 9.08 -21.25
CA ALA A 351 2.74 9.97 -20.18
C ALA A 351 3.84 11.01 -19.99
N ARG A 352 5.05 10.59 -19.62
CA ARG A 352 6.14 11.55 -19.41
C ARG A 352 6.39 12.50 -20.58
N SER A 353 6.13 12.05 -21.80
CA SER A 353 6.36 12.86 -23.00
C SER A 353 5.32 13.94 -23.27
N LEU A 354 4.05 13.59 -23.11
CA LEU A 354 2.94 14.51 -23.33
C LEU A 354 3.03 15.82 -22.53
N PRO A 355 2.50 16.90 -23.10
CA PRO A 355 2.52 18.19 -22.42
C PRO A 355 1.44 18.25 -21.33
N VAL A 356 1.63 19.15 -20.37
CA VAL A 356 0.71 19.30 -19.25
C VAL A 356 -0.73 19.30 -19.74
N ALA A 357 -0.97 20.15 -20.73
CA ALA A 357 -2.28 20.25 -21.37
C ALA A 357 -2.14 20.95 -22.73
N VAL A 358 -3.22 20.93 -23.50
CA VAL A 358 -3.19 21.55 -24.81
C VAL A 358 -4.50 22.27 -25.07
N ILE A 359 -4.48 23.21 -25.99
CA ILE A 359 -5.71 23.92 -26.31
C ILE A 359 -6.71 22.92 -26.86
N ALA A 360 -8.00 23.18 -26.65
CA ALA A 360 -9.04 22.27 -27.12
C ALA A 360 -8.98 22.03 -28.61
N ALA A 361 -8.26 22.88 -29.33
CA ALA A 361 -8.14 22.70 -30.77
C ALA A 361 -7.44 21.36 -31.07
N GLN A 362 -6.34 21.08 -30.37
CA GLN A 362 -5.59 19.85 -30.55
C GLN A 362 -6.10 18.66 -29.73
N THR A 363 -7.42 18.56 -29.58
CA THR A 363 -8.02 17.46 -28.84
C THR A 363 -8.18 16.25 -29.73
N ALA A 364 -8.31 16.48 -31.04
CA ALA A 364 -8.44 15.37 -31.99
C ALA A 364 -7.06 14.93 -32.49
N SER A 365 -6.14 15.89 -32.62
CA SER A 365 -4.77 15.63 -33.08
C SER A 365 -3.99 15.08 -31.90
N MET A 366 -4.72 14.63 -30.88
CA MET A 366 -4.14 14.06 -29.68
C MET A 366 -3.73 12.62 -29.94
N TRP A 367 -4.69 11.80 -30.34
CA TRP A 367 -4.42 10.41 -30.63
C TRP A 367 -3.21 10.24 -31.56
N GLU A 368 -3.05 11.16 -32.53
CA GLU A 368 -1.95 11.11 -33.49
C GLU A 368 -0.61 11.54 -32.87
N ARG A 369 -0.70 12.26 -31.76
CA ARG A 369 0.49 12.72 -31.06
C ARG A 369 1.07 11.50 -30.39
N VAL A 370 0.15 10.70 -29.84
CA VAL A 370 0.49 9.48 -29.14
C VAL A 370 1.05 8.43 -30.10
N LYS A 371 0.30 8.10 -31.16
CA LYS A 371 0.76 7.10 -32.14
C LYS A 371 2.17 7.44 -32.57
N SER A 372 2.47 8.73 -32.64
CA SER A 372 3.79 9.22 -33.03
C SER A 372 4.86 8.84 -31.99
N ILE A 373 4.58 9.16 -30.73
CA ILE A 373 5.50 8.86 -29.63
C ILE A 373 5.69 7.36 -29.49
N ILE A 374 4.60 6.61 -29.68
CA ILE A 374 4.62 5.16 -29.58
C ILE A 374 5.63 4.51 -30.50
N LYS A 375 5.71 5.01 -31.72
CA LYS A 375 6.65 4.46 -32.67
C LYS A 375 8.00 5.20 -32.71
N SER A 376 8.09 6.35 -32.03
CA SER A 376 9.35 7.13 -31.98
C SER A 376 10.28 6.59 -30.87
N SER A 377 9.70 5.84 -29.94
CA SER A 377 10.46 5.22 -28.85
C SER A 377 10.54 3.73 -29.18
N LEU A 378 9.60 3.25 -30.00
CA LEU A 378 9.59 1.86 -30.45
C LEU A 378 10.54 1.84 -31.65
N ALA A 379 11.27 2.95 -31.81
CA ALA A 379 12.25 3.15 -32.88
C ALA A 379 13.68 3.27 -32.35
N ALA A 380 13.86 3.97 -31.23
CA ALA A 380 15.18 4.12 -30.62
C ALA A 380 15.54 2.81 -29.93
N ALA A 381 14.55 1.92 -29.81
CA ALA A 381 14.72 0.60 -29.18
C ALA A 381 14.54 -0.55 -30.17
N SER A 382 14.10 -0.24 -31.39
CA SER A 382 13.87 -1.24 -32.44
C SER A 382 15.14 -1.45 -33.27
N ASN A 383 16.03 -0.46 -33.28
CA ASN A 383 17.29 -0.53 -34.04
C ASN A 383 18.26 -1.60 -33.49
N ILE A 384 18.49 -1.60 -32.17
CA ILE A 384 19.38 -2.58 -31.54
C ILE A 384 18.61 -3.52 -30.60
N MET B 53 32.43 -4.53 -16.38
CA MET B 53 32.54 -5.44 -17.56
C MET B 53 31.32 -5.35 -18.46
N ALA B 54 30.81 -6.51 -18.90
CA ALA B 54 29.62 -6.58 -19.77
C ALA B 54 28.36 -6.45 -18.90
N ALA B 55 28.60 -6.25 -17.61
CA ALA B 55 27.52 -6.07 -16.63
C ALA B 55 27.33 -4.56 -16.46
N LEU B 56 28.44 -3.85 -16.31
CA LEU B 56 28.43 -2.39 -16.12
C LEU B 56 27.96 -1.62 -17.37
N THR B 57 27.85 -2.30 -18.52
CA THR B 57 27.41 -1.65 -19.77
C THR B 57 25.93 -1.90 -20.08
N ARG B 58 25.32 -2.86 -19.39
CA ARG B 58 23.90 -3.21 -19.57
C ARG B 58 23.01 -2.21 -18.85
N LEU B 59 23.57 -1.60 -17.80
CA LEU B 59 22.88 -0.61 -16.98
C LEU B 59 22.83 0.75 -17.61
N SER B 60 21.76 1.48 -17.33
CA SER B 60 21.59 2.81 -17.85
C SER B 60 22.34 3.72 -16.89
N GLN B 61 22.66 4.94 -17.31
CA GLN B 61 23.34 5.87 -16.42
C GLN B 61 22.59 5.86 -15.06
N PRO B 62 21.26 6.11 -15.09
CA PRO B 62 20.45 6.12 -13.87
C PRO B 62 20.65 4.85 -13.05
N GLY B 63 20.44 3.71 -13.71
CA GLY B 63 20.59 2.40 -13.09
C GLY B 63 21.88 2.25 -12.31
N LEU B 64 22.97 2.78 -12.86
CA LEU B 64 24.26 2.70 -12.19
C LEU B 64 24.29 3.63 -10.97
N ALA B 65 23.97 4.91 -11.20
CA ALA B 65 23.96 5.90 -10.13
C ALA B 65 23.13 5.38 -8.97
N PHE B 66 22.00 4.77 -9.31
CA PHE B 66 21.08 4.20 -8.32
C PHE B 66 21.84 3.24 -7.42
N LEU B 67 22.50 2.28 -8.03
CA LEU B 67 23.25 1.28 -7.30
C LEU B 67 24.37 1.88 -6.44
N LYS B 68 24.89 3.02 -6.85
CA LYS B 68 25.93 3.65 -6.05
C LYS B 68 25.30 4.34 -4.84
N CYS B 69 24.32 5.21 -5.08
CA CYS B 69 23.70 5.90 -3.95
C CYS B 69 23.31 4.89 -2.89
N ALA B 70 23.04 3.69 -3.34
CA ALA B 70 22.61 2.62 -2.46
C ALA B 70 23.65 1.95 -1.58
N PHE B 71 24.77 1.53 -2.18
CA PHE B 71 25.83 0.87 -1.44
C PHE B 71 27.20 1.52 -1.46
N ALA B 72 27.37 2.52 -2.31
CA ALA B 72 28.64 3.20 -2.39
C ALA B 72 28.88 4.08 -1.18
N PRO B 73 30.15 4.36 -0.92
CA PRO B 73 30.54 5.19 0.19
C PRO B 73 30.09 6.62 -0.09
N PRO B 74 29.95 7.42 0.94
CA PRO B 74 29.52 8.80 0.77
C PRO B 74 30.47 9.64 -0.10
N ASP B 75 31.78 9.48 0.08
CA ASP B 75 32.74 10.25 -0.72
C ASP B 75 32.78 9.88 -2.21
N PHE B 76 32.73 8.59 -2.53
CA PHE B 76 32.76 8.17 -3.92
C PHE B 76 31.53 8.68 -4.67
N ASN B 77 30.38 8.57 -4.03
CA ASN B 77 29.13 9.03 -4.62
C ASN B 77 28.92 10.55 -4.56
N THR B 78 29.54 11.26 -5.50
CA THR B 78 29.40 12.71 -5.56
C THR B 78 28.09 13.05 -6.27
N ASP B 79 27.56 12.07 -7.02
CA ASP B 79 26.32 12.23 -7.78
C ASP B 79 25.19 11.32 -7.28
N PRO B 80 24.18 11.88 -6.58
CA PRO B 80 23.01 11.16 -6.03
C PRO B 80 22.21 10.32 -7.05
N GLY B 81 22.41 10.60 -8.33
CA GLY B 81 21.70 9.87 -9.38
C GLY B 81 20.32 10.45 -9.56
N LYS B 82 19.81 10.39 -10.78
CA LYS B 82 18.49 10.92 -11.05
C LYS B 82 17.38 10.20 -10.28
N GLY B 83 17.71 9.23 -9.44
CA GLY B 83 16.66 8.56 -8.68
C GLY B 83 16.48 7.05 -8.81
N ILE B 84 15.25 6.56 -8.70
CA ILE B 84 15.02 5.13 -8.81
C ILE B 84 14.59 4.70 -10.20
N PRO B 85 15.30 3.73 -10.76
CA PRO B 85 14.95 3.24 -12.10
C PRO B 85 13.92 2.15 -11.89
N ASP B 86 12.68 2.48 -12.26
CA ASP B 86 11.57 1.57 -12.13
C ASP B 86 10.47 2.05 -13.05
N ARG B 87 9.30 1.45 -12.96
CA ARG B 87 8.20 1.85 -13.80
C ARG B 87 7.81 3.31 -13.61
N PHE B 88 7.90 3.82 -12.39
CA PHE B 88 7.52 5.21 -12.17
C PHE B 88 8.50 6.23 -12.73
N GLU B 89 7.94 7.16 -13.50
CA GLU B 89 8.70 8.24 -14.12
C GLU B 89 8.13 9.66 -13.92
N GLY B 90 7.27 9.84 -12.92
CA GLY B 90 6.70 11.16 -12.66
C GLY B 90 7.69 12.15 -12.04
N LYS B 91 7.23 13.38 -11.79
CA LYS B 91 8.07 14.44 -11.21
C LYS B 91 8.44 14.13 -9.78
N VAL B 92 9.73 14.24 -9.49
CA VAL B 92 10.25 13.98 -8.15
C VAL B 92 11.40 14.89 -7.81
N VAL B 93 11.88 14.75 -6.59
CA VAL B 93 13.01 15.54 -6.17
C VAL B 93 13.91 14.60 -5.38
N SER B 94 15.10 14.37 -5.93
CA SER B 94 16.10 13.51 -5.32
C SER B 94 16.84 14.34 -4.30
N ARG B 95 16.92 13.83 -3.09
CA ARG B 95 17.62 14.53 -2.03
C ARG B 95 18.52 13.56 -1.31
N LYS B 96 19.82 13.76 -1.40
CA LYS B 96 20.73 12.88 -0.70
C LYS B 96 21.10 13.53 0.63
N ASP B 97 20.50 13.04 1.72
CA ASP B 97 20.73 13.57 3.07
C ASP B 97 22.01 12.99 3.64
N VAL B 98 22.83 13.87 4.23
CA VAL B 98 24.09 13.45 4.82
C VAL B 98 24.36 14.16 6.14
N LEU B 99 24.53 13.36 7.18
CA LEU B 99 24.84 13.90 8.48
C LEU B 99 26.23 13.51 8.93
N ASN B 100 26.98 14.50 9.41
CA ASN B 100 28.31 14.25 9.92
C ASN B 100 28.22 14.69 11.36
N GLN B 101 28.56 13.83 12.30
CA GLN B 101 28.46 14.26 13.69
C GLN B 101 29.48 13.71 14.68
N SER B 102 30.28 14.62 15.27
CA SER B 102 31.31 14.24 16.26
C SER B 102 30.55 13.84 17.51
N ILE B 103 30.63 12.58 17.87
CA ILE B 103 29.93 12.13 19.05
C ILE B 103 30.82 11.36 20.01
N SER B 104 30.64 11.62 21.30
CA SER B 104 31.40 10.94 22.32
C SER B 104 30.41 10.10 23.14
N PHE B 105 30.81 8.88 23.45
CA PHE B 105 29.94 7.99 24.19
C PHE B 105 30.09 8.00 25.68
N THR B 106 28.95 8.00 26.35
CA THR B 106 28.85 8.00 27.80
C THR B 106 29.48 6.72 28.35
N ALA B 107 30.45 6.85 29.25
CA ALA B 107 31.11 5.69 29.84
C ALA B 107 30.19 4.93 30.79
N GLY B 108 30.39 3.61 30.87
CA GLY B 108 29.57 2.79 31.76
C GLY B 108 28.12 2.76 31.33
N GLN B 109 27.88 2.98 30.05
CA GLN B 109 26.54 2.99 29.52
C GLN B 109 26.49 2.54 28.09
N ASP B 110 25.57 1.63 27.81
CA ASP B 110 25.40 1.15 26.46
C ASP B 110 24.44 2.13 25.78
N THR B 111 24.83 2.63 24.60
CA THR B 111 24.01 3.58 23.85
C THR B 111 23.46 2.87 22.62
N PHE B 112 22.14 2.94 22.43
CA PHE B 112 21.48 2.31 21.28
C PHE B 112 21.11 3.33 20.22
N ILE B 113 21.42 3.01 18.97
CA ILE B 113 21.13 3.90 17.87
C ILE B 113 20.21 3.21 16.89
N LEU B 114 19.13 3.88 16.52
CA LEU B 114 18.20 3.28 15.58
C LEU B 114 18.12 4.12 14.32
N ILE B 115 18.28 3.46 13.19
CA ILE B 115 18.22 4.16 11.92
C ILE B 115 16.91 3.67 11.36
N ALA B 116 16.00 4.60 11.11
CA ALA B 116 14.68 4.26 10.58
C ALA B 116 14.37 5.08 9.35
N PRO B 117 13.41 4.59 8.58
CA PRO B 117 13.00 5.28 7.36
C PRO B 117 12.05 6.42 7.67
N THR B 118 12.56 7.43 8.35
CA THR B 118 11.80 8.59 8.72
C THR B 118 12.46 9.76 8.01
N PRO B 119 11.70 10.50 7.24
CA PRO B 119 12.24 11.65 6.51
C PRO B 119 12.66 12.81 7.40
N GLY B 120 13.83 13.36 7.11
CA GLY B 120 14.38 14.48 7.86
C GLY B 120 15.11 14.14 9.15
N VAL B 121 15.11 12.86 9.52
CA VAL B 121 15.78 12.46 10.74
C VAL B 121 16.82 11.41 10.40
N ALA B 122 18.05 11.63 10.85
CA ALA B 122 19.09 10.65 10.55
C ALA B 122 18.86 9.40 11.40
N TYR B 123 19.02 9.58 12.70
CA TYR B 123 18.83 8.46 13.60
C TYR B 123 18.18 8.86 14.91
N TRP B 124 17.97 7.84 15.75
CA TRP B 124 17.35 7.96 17.07
C TRP B 124 18.22 7.25 18.05
N SER B 125 18.48 7.86 19.20
CA SER B 125 19.31 7.20 20.19
C SER B 125 18.72 7.28 21.58
N ALA B 126 19.37 6.58 22.49
CA ALA B 126 18.97 6.52 23.88
C ALA B 126 20.06 5.73 24.58
N SER B 127 20.43 6.12 25.79
CA SER B 127 21.44 5.35 26.49
C SER B 127 20.76 4.65 27.66
N VAL B 128 21.22 3.44 27.93
CA VAL B 128 20.67 2.63 29.01
C VAL B 128 21.80 2.05 29.84
N PRO B 129 21.45 1.49 31.00
CA PRO B 129 22.44 0.89 31.88
C PRO B 129 23.23 -0.17 31.12
N ALA B 130 24.54 -0.21 31.34
CA ALA B 130 25.39 -1.18 30.66
C ALA B 130 24.85 -2.61 30.79
N GLY B 131 25.04 -3.42 29.74
CA GLY B 131 24.59 -4.80 29.72
C GLY B 131 23.08 -4.99 29.54
N THR B 132 22.34 -3.89 29.44
CA THR B 132 20.88 -3.96 29.27
C THR B 132 20.38 -3.44 27.95
N PHE B 133 19.09 -3.70 27.70
CA PHE B 133 18.39 -3.28 26.48
C PHE B 133 17.32 -2.30 26.88
N PRO B 134 16.71 -1.61 25.91
CA PRO B 134 15.65 -0.65 26.19
C PRO B 134 14.56 -1.32 27.01
N THR B 135 13.79 -0.50 27.71
CA THR B 135 12.68 -0.97 28.52
C THR B 135 11.54 0.01 28.29
N SER B 136 10.44 -0.20 29.01
CA SER B 136 9.27 0.68 28.87
C SER B 136 9.70 2.09 29.30
N ALA B 137 10.67 2.11 30.22
CA ALA B 137 11.24 3.32 30.79
C ALA B 137 12.21 4.02 29.84
N THR B 138 12.29 3.53 28.61
CA THR B 138 13.20 4.11 27.65
C THR B 138 12.47 4.91 26.58
N THR B 139 13.14 5.97 26.13
CA THR B 139 12.64 6.86 25.09
C THR B 139 13.76 7.30 24.16
N PHE B 140 13.55 7.15 22.86
CA PHE B 140 14.54 7.54 21.85
C PHE B 140 14.33 8.94 21.30
N ASN B 141 15.42 9.70 21.22
CA ASN B 141 15.37 11.06 20.71
C ASN B 141 16.06 11.17 19.35
N PRO B 142 15.32 11.69 18.38
CA PRO B 142 15.81 11.86 17.01
C PRO B 142 16.83 12.98 16.76
N VAL B 143 17.72 12.74 15.80
CA VAL B 143 18.75 13.71 15.46
C VAL B 143 18.44 14.05 14.00
N ASN B 144 18.08 15.30 13.75
CA ASN B 144 17.76 15.75 12.40
C ASN B 144 18.89 15.96 11.40
N TYR B 145 18.55 15.72 10.13
CA TYR B 145 19.48 15.87 9.02
C TYR B 145 19.48 17.39 8.88
N PRO B 146 20.49 17.96 8.24
CA PRO B 146 20.51 19.42 8.10
C PRO B 146 19.24 19.91 7.41
N GLY B 147 18.73 21.06 7.87
CA GLY B 147 17.53 21.66 7.33
C GLY B 147 16.22 20.90 7.40
N PHE B 148 15.97 20.20 8.49
CA PHE B 148 14.72 19.45 8.62
C PHE B 148 13.53 20.39 8.50
N THR B 149 13.62 21.53 9.17
CA THR B 149 12.57 22.52 9.13
C THR B 149 12.29 23.05 7.74
N SER B 150 13.35 23.30 6.98
CA SER B 150 13.17 23.83 5.62
C SER B 150 12.40 22.86 4.73
N MET B 151 12.18 21.65 5.22
CA MET B 151 11.46 20.61 4.49
C MET B 151 10.05 20.35 5.04
N PHE B 152 10.01 20.21 6.36
CA PHE B 152 8.77 19.89 7.01
C PHE B 152 8.27 20.91 8.01
N GLY B 153 8.52 22.18 7.72
CA GLY B 153 8.06 23.22 8.61
C GLY B 153 8.48 23.15 10.07
N THR B 154 7.68 23.81 10.92
CA THR B 154 7.94 23.90 12.36
C THR B 154 6.76 23.54 13.25
N THR B 155 5.67 23.09 12.66
CA THR B 155 4.49 22.72 13.42
C THR B 155 4.06 21.32 12.99
N SER B 156 3.69 20.49 13.96
CA SER B 156 3.28 19.14 13.62
C SER B 156 2.21 19.06 12.52
N THR B 157 1.62 20.18 12.11
CA THR B 157 0.60 20.13 11.05
C THR B 157 1.00 20.84 9.74
N SER B 158 2.30 20.90 9.50
CA SER B 158 2.79 21.53 8.31
C SER B 158 3.97 20.73 7.71
N ARG B 159 3.80 19.42 7.69
CA ARG B 159 4.84 18.55 7.16
C ARG B 159 4.68 18.40 5.62
N SER B 160 3.42 18.24 5.21
CA SER B 160 3.07 18.09 3.80
C SER B 160 2.95 19.43 3.07
N ASP B 161 3.67 20.45 3.56
CA ASP B 161 3.60 21.75 2.95
C ASP B 161 4.53 21.84 1.76
N GLN B 162 5.67 21.16 1.86
CA GLN B 162 6.63 21.18 0.78
C GLN B 162 6.50 20.00 -0.17
N VAL B 163 6.31 18.82 0.41
CA VAL B 163 6.19 17.59 -0.35
C VAL B 163 5.03 16.73 0.18
N SER B 164 4.35 15.99 -0.71
CA SER B 164 3.23 15.15 -0.30
C SER B 164 3.57 13.69 0.10
N SER B 165 4.46 13.05 -0.66
CA SER B 165 4.86 11.68 -0.37
C SER B 165 6.34 11.44 -0.66
N PHE B 166 6.80 10.24 -0.38
CA PHE B 166 8.20 9.94 -0.58
C PHE B 166 8.46 8.44 -0.67
N ARG B 167 9.72 8.13 -0.95
CA ARG B 167 10.20 6.76 -1.02
C ARG B 167 11.72 6.76 -0.95
N TYR B 168 12.22 5.95 -0.02
CA TYR B 168 13.65 5.81 0.24
C TYR B 168 14.31 4.94 -0.82
N ALA B 169 15.60 5.18 -1.05
CA ALA B 169 16.36 4.39 -2.01
C ALA B 169 17.49 3.70 -1.25
N SER B 170 18.30 4.50 -0.57
CA SER B 170 19.39 3.98 0.21
C SER B 170 19.29 4.58 1.59
N MET B 171 19.89 3.88 2.54
CA MET B 171 19.89 4.36 3.90
C MET B 171 21.08 3.71 4.56
N ASN B 172 22.23 4.37 4.47
CA ASN B 172 23.45 3.84 5.04
C ASN B 172 23.84 4.54 6.36
N VAL B 173 24.84 4.00 7.04
CA VAL B 173 25.35 4.56 8.29
C VAL B 173 26.76 4.05 8.58
N GLY B 174 27.60 4.89 9.18
CA GLY B 174 28.95 4.47 9.50
C GLY B 174 29.46 5.10 10.77
N ILE B 175 30.35 4.40 11.46
CA ILE B 175 30.93 4.93 12.70
C ILE B 175 32.44 4.86 12.61
N TYR B 176 33.08 6.02 12.68
CA TYR B 176 34.52 6.09 12.57
C TYR B 176 35.22 6.52 13.83
N PRO B 177 35.72 5.56 14.61
CA PRO B 177 36.42 5.82 15.87
C PRO B 177 37.53 6.86 15.73
N THR B 178 37.67 7.70 16.74
CA THR B 178 38.71 8.74 16.72
C THR B 178 39.51 8.72 18.01
N SER B 179 39.34 7.65 18.80
CA SER B 179 40.03 7.48 20.06
C SER B 179 41.42 6.91 19.84
N ASN B 180 42.37 7.23 20.72
CA ASN B 180 43.72 6.68 20.59
C ASN B 180 43.75 5.30 21.23
N LEU B 181 44.82 4.55 20.96
CA LEU B 181 44.98 3.18 21.43
C LEU B 181 45.25 3.00 22.92
N MET B 182 45.04 4.07 23.65
CA MET B 182 45.27 4.02 25.07
C MET B 182 43.98 4.41 25.76
N GLN B 183 42.95 4.66 24.96
CA GLN B 183 41.69 5.07 25.55
C GLN B 183 40.43 4.35 25.14
N PHE B 184 40.45 3.69 23.99
CA PHE B 184 39.28 2.97 23.50
C PHE B 184 38.92 1.68 24.23
N ALA B 185 37.62 1.41 24.29
CA ALA B 185 37.08 0.23 24.95
C ALA B 185 35.67 0.01 24.45
N GLY B 186 35.11 -1.17 24.70
CA GLY B 186 33.76 -1.48 24.26
C GLY B 186 33.58 -2.17 22.93
N SER B 187 32.33 -2.42 22.57
CA SER B 187 31.99 -3.08 21.32
C SER B 187 30.84 -2.43 20.56
N ILE B 188 30.74 -2.73 19.27
CA ILE B 188 29.71 -2.20 18.41
C ILE B 188 28.98 -3.38 17.81
N THR B 189 27.73 -3.55 18.21
CA THR B 189 26.93 -4.65 17.71
C THR B 189 25.86 -4.07 16.78
N VAL B 190 25.54 -4.80 15.73
CA VAL B 190 24.56 -4.34 14.75
C VAL B 190 23.69 -5.43 14.17
N TRP B 191 22.39 -5.18 14.08
CA TRP B 191 21.49 -6.13 13.48
C TRP B 191 20.37 -5.29 12.90
N LYS B 192 19.49 -5.89 12.11
CA LYS B 192 18.43 -5.10 11.51
C LYS B 192 17.04 -5.63 11.86
N CYS B 193 16.13 -4.71 12.18
CA CYS B 193 14.77 -5.08 12.51
C CYS B 193 13.81 -4.61 11.45
N PRO B 194 12.79 -5.43 11.18
CA PRO B 194 11.75 -5.15 10.19
C PRO B 194 10.66 -4.28 10.82
N VAL B 195 11.04 -3.11 11.30
CA VAL B 195 10.05 -2.25 11.94
C VAL B 195 9.22 -1.52 10.95
N LYS B 196 7.91 -1.70 11.11
CA LYS B 196 6.92 -1.11 10.27
C LYS B 196 5.91 -0.33 11.11
N LEU B 197 5.30 0.69 10.50
CA LEU B 197 4.32 1.52 11.18
C LEU B 197 2.88 1.10 10.90
N SER B 198 2.24 0.49 11.89
CA SER B 198 0.88 0.05 11.73
C SER B 198 -0.10 0.87 12.56
N THR B 199 -1.02 0.17 13.20
CA THR B 199 -2.08 0.79 14.01
C THR B 199 -2.63 -0.19 15.03
N VAL B 200 -3.18 0.38 16.09
CA VAL B 200 -3.78 -0.42 17.16
C VAL B 200 -5.21 0.04 17.46
N GLN B 201 -6.08 -0.93 17.75
CA GLN B 201 -7.48 -0.67 18.03
C GLN B 201 -7.86 -1.08 19.43
N PHE B 202 -8.44 -0.13 20.19
CA PHE B 202 -8.88 -0.41 21.55
C PHE B 202 -10.01 0.53 21.94
N PRO B 203 -10.87 0.10 22.89
CA PRO B 203 -12.01 0.86 23.38
C PRO B 203 -11.63 1.88 24.48
N VAL B 204 -12.47 2.90 24.65
CA VAL B 204 -12.22 3.95 25.64
C VAL B 204 -13.49 4.29 26.43
N ALA B 205 -13.37 4.24 27.75
CA ALA B 205 -14.49 4.53 28.64
C ALA B 205 -14.77 6.02 28.78
N THR B 206 -15.20 6.62 27.68
CA THR B 206 -15.52 8.04 27.70
C THR B 206 -17.03 8.08 27.69
N ASP B 207 -17.57 9.28 27.42
CA ASP B 207 -19.01 9.43 27.34
C ASP B 207 -19.44 10.26 26.13
N PRO B 208 -20.05 9.59 25.14
CA PRO B 208 -20.30 8.14 25.21
C PRO B 208 -19.02 7.34 25.01
N ALA B 209 -19.07 6.04 25.33
CA ALA B 209 -17.89 5.20 25.16
C ALA B 209 -17.55 5.07 23.67
N THR B 210 -16.25 5.05 23.36
CA THR B 210 -15.81 4.98 21.97
C THR B 210 -14.65 4.00 21.77
N SER B 211 -14.27 3.78 20.50
CA SER B 211 -13.15 2.89 20.14
C SER B 211 -12.08 3.72 19.44
N SER B 212 -10.86 3.58 19.92
CA SER B 212 -9.74 4.30 19.37
C SER B 212 -8.95 3.54 18.33
N LEU B 213 -8.03 4.27 17.72
CA LEU B 213 -7.17 3.74 16.69
C LEU B 213 -6.05 4.77 16.50
N VAL B 214 -4.82 4.31 16.68
CA VAL B 214 -3.65 5.16 16.53
C VAL B 214 -2.45 4.39 15.97
N HIS B 215 -1.45 5.16 15.57
CA HIS B 215 -0.25 4.59 15.01
C HIS B 215 0.56 3.78 16.04
N THR B 216 1.08 2.64 15.59
CA THR B 216 1.91 1.80 16.45
C THR B 216 3.05 1.24 15.64
N LEU B 217 4.21 1.19 16.27
CA LEU B 217 5.35 0.62 15.62
C LEU B 217 5.42 -0.85 15.95
N VAL B 218 5.23 -1.61 14.89
CA VAL B 218 5.21 -3.03 14.95
C VAL B 218 6.61 -3.62 14.73
N GLY B 219 6.95 -4.63 15.54
CA GLY B 219 8.23 -5.31 15.39
C GLY B 219 9.40 -4.56 15.97
N LEU B 220 9.04 -3.71 16.92
CA LEU B 220 9.99 -2.87 17.60
C LEU B 220 10.70 -3.74 18.63
N ASP B 221 9.97 -4.79 19.01
CA ASP B 221 10.39 -5.75 20.01
C ASP B 221 11.70 -6.41 19.60
N GLY B 222 12.00 -6.37 18.31
CA GLY B 222 13.24 -6.99 17.84
C GLY B 222 14.48 -6.31 18.35
N VAL B 223 14.35 -5.08 18.83
CA VAL B 223 15.49 -4.31 19.31
C VAL B 223 16.00 -4.76 20.67
N LEU B 224 15.24 -5.65 21.29
CA LEU B 224 15.57 -6.13 22.62
C LEU B 224 16.34 -7.44 22.65
N ALA B 225 16.98 -7.79 21.54
CA ALA B 225 17.76 -9.01 21.46
C ALA B 225 18.64 -8.91 20.24
N VAL B 226 19.85 -9.42 20.34
CA VAL B 226 20.74 -9.37 19.18
C VAL B 226 20.48 -10.61 18.33
N GLY B 227 19.75 -10.40 17.25
CA GLY B 227 19.41 -11.48 16.34
C GLY B 227 20.62 -12.21 15.83
N PRO B 228 20.49 -13.51 15.53
CA PRO B 228 21.59 -14.34 15.04
C PRO B 228 22.34 -13.72 13.85
N ASP B 229 21.64 -12.99 13.00
CA ASP B 229 22.27 -12.34 11.85
C ASP B 229 22.69 -10.95 12.33
N ASN B 230 23.96 -10.82 12.71
CA ASN B 230 24.49 -9.56 13.23
C ASN B 230 25.99 -9.31 13.04
N PHE B 231 26.40 -8.06 13.20
CA PHE B 231 27.80 -7.64 13.12
C PHE B 231 28.16 -7.35 14.56
N SER B 232 29.39 -7.59 14.96
CA SER B 232 29.73 -7.32 16.35
C SER B 232 31.22 -7.39 16.55
N GLU B 233 31.88 -6.24 16.54
CA GLU B 233 33.33 -6.19 16.72
C GLU B 233 33.71 -5.13 17.74
N SER B 234 35.00 -5.08 18.09
CA SER B 234 35.50 -4.09 19.04
C SER B 234 35.15 -2.69 18.58
N PHE B 235 34.83 -1.82 19.53
CA PHE B 235 34.46 -0.45 19.20
C PHE B 235 35.44 0.18 18.24
N ILE B 236 36.72 0.08 18.58
CA ILE B 236 37.76 0.67 17.78
C ILE B 236 37.72 0.34 16.30
N LYS B 237 37.19 -0.84 15.95
CA LYS B 237 37.12 -1.23 14.54
C LYS B 237 35.98 -0.54 13.77
N GLY B 238 35.18 0.25 14.46
CA GLY B 238 34.10 0.94 13.80
C GLY B 238 33.13 0.00 13.17
N VAL B 239 32.29 0.54 12.29
CA VAL B 239 31.31 -0.26 11.59
C VAL B 239 30.71 0.53 10.44
N PHE B 240 30.22 -0.17 9.43
CA PHE B 240 29.61 0.48 8.29
C PHE B 240 28.53 -0.44 7.79
N SER B 241 27.35 0.09 7.54
CA SER B 241 26.28 -0.77 7.06
C SER B 241 25.18 -0.01 6.35
N GLN B 242 24.44 -0.70 5.49
CA GLN B 242 23.35 -0.04 4.76
C GLN B 242 22.09 -0.84 4.97
N SER B 243 21.01 -0.33 4.43
CA SER B 243 19.72 -0.96 4.54
C SER B 243 19.08 -0.85 3.17
N ALA B 244 18.09 -1.71 2.92
CA ALA B 244 17.40 -1.72 1.63
C ALA B 244 15.89 -1.93 1.73
N CYS B 245 15.23 -1.62 0.60
CA CYS B 245 13.78 -1.71 0.47
C CYS B 245 13.24 -3.07 0.92
N ASN B 246 12.39 -3.07 1.95
CA ASN B 246 11.83 -4.31 2.47
C ASN B 246 10.53 -4.68 1.79
N GLU B 247 10.36 -4.21 0.56
CA GLU B 247 9.17 -4.47 -0.25
C GLU B 247 9.56 -4.93 -1.65
N PRO B 248 8.70 -5.71 -2.34
CA PRO B 248 9.03 -6.16 -3.70
C PRO B 248 9.21 -4.99 -4.66
N ASP B 249 8.50 -3.89 -4.42
CA ASP B 249 8.62 -2.72 -5.30
C ASP B 249 8.77 -1.44 -4.50
N PHE B 250 9.12 -0.35 -5.17
CA PHE B 250 9.30 0.92 -4.48
C PHE B 250 8.06 1.78 -4.49
N GLU B 251 7.11 1.46 -3.61
CA GLU B 251 5.89 2.21 -3.57
C GLU B 251 6.07 3.45 -2.70
N PHE B 252 5.40 4.53 -3.09
CA PHE B 252 5.46 5.79 -2.37
C PHE B 252 4.69 5.75 -1.08
N ASN B 253 5.17 6.50 -0.12
CA ASN B 253 4.49 6.57 1.16
C ASN B 253 4.03 7.99 1.41
N ASP B 254 2.90 8.12 2.09
CA ASP B 254 2.35 9.42 2.40
C ASP B 254 3.13 10.10 3.52
N ILE B 255 3.08 11.42 3.52
CA ILE B 255 3.71 12.21 4.57
C ILE B 255 2.68 12.21 5.69
N LEU B 256 3.15 12.01 6.92
CA LEU B 256 2.26 11.94 8.07
C LEU B 256 2.21 13.20 8.92
N GLU B 257 0.97 13.68 9.08
CA GLU B 257 0.72 14.89 9.83
C GLU B 257 0.49 14.67 11.31
N GLY B 258 0.94 15.67 12.06
CA GLY B 258 0.78 15.70 13.50
C GLY B 258 1.53 14.73 14.36
N ILE B 259 2.36 13.88 13.77
CA ILE B 259 3.06 12.90 14.60
C ILE B 259 4.30 13.45 15.29
N GLN B 260 4.25 13.45 16.63
CA GLN B 260 5.34 13.95 17.46
C GLN B 260 5.87 12.89 18.41
N THR B 261 4.97 12.06 18.94
CA THR B 261 5.40 11.00 19.83
C THR B 261 4.65 9.70 19.53
N LEU B 262 5.29 8.60 19.91
CA LEU B 262 4.75 7.26 19.73
C LEU B 262 5.22 6.36 20.85
N PRO B 263 4.27 5.91 21.71
CA PRO B 263 2.83 6.21 21.65
C PRO B 263 2.52 7.69 21.67
N PRO B 264 1.51 8.12 20.89
CA PRO B 264 1.13 9.53 20.82
C PRO B 264 0.61 10.11 22.12
N ALA B 265 0.35 11.41 22.10
CA ALA B 265 -0.13 12.11 23.27
C ALA B 265 -1.46 11.50 23.70
N ASN B 266 -1.59 11.25 25.01
CA ASN B 266 -2.78 10.69 25.65
C ASN B 266 -2.94 9.19 25.49
N VAL B 267 -1.87 8.49 25.16
CA VAL B 267 -1.93 7.05 24.99
C VAL B 267 -0.87 6.35 25.83
N SER B 268 -1.30 5.33 26.57
CA SER B 268 -0.36 4.59 27.41
C SER B 268 0.43 3.62 26.56
N LEU B 269 1.71 3.48 26.88
CA LEU B 269 2.57 2.57 26.15
C LEU B 269 1.91 1.20 26.15
N GLY B 270 1.24 0.89 27.26
CA GLY B 270 0.58 -0.39 27.40
C GLY B 270 -0.38 -0.73 26.28
N SER B 271 -1.21 0.24 25.89
CA SER B 271 -2.17 -0.03 24.84
C SER B 271 -1.61 -0.10 23.41
N THR B 272 -0.32 0.16 23.23
CA THR B 272 0.27 0.10 21.89
C THR B 272 1.10 -1.14 21.61
N GLY B 273 1.55 -1.83 22.66
CA GLY B 273 2.37 -3.01 22.44
C GLY B 273 3.82 -2.64 22.23
N GLN B 274 4.10 -1.40 21.84
CA GLN B 274 5.48 -0.98 21.63
C GLN B 274 6.21 -1.19 22.94
N PRO B 275 7.41 -1.75 22.88
CA PRO B 275 8.24 -2.03 24.04
C PRO B 275 8.84 -0.76 24.70
N PHE B 276 9.06 0.28 23.89
CA PHE B 276 9.60 1.53 24.39
C PHE B 276 8.98 2.70 23.61
N THR B 277 9.43 3.91 23.95
CA THR B 277 8.88 5.12 23.36
C THR B 277 9.76 5.94 22.43
N MET B 278 9.09 6.64 21.53
CA MET B 278 9.75 7.49 20.54
C MET B 278 9.27 8.91 20.72
N ASP B 279 10.19 9.83 21.01
CA ASP B 279 9.82 11.23 21.22
C ASP B 279 10.64 12.17 20.33
N SER B 280 9.99 12.85 19.39
CA SER B 280 10.74 13.75 18.53
C SER B 280 10.90 15.14 19.16
N GLY B 281 10.18 15.37 20.27
CA GLY B 281 10.29 16.65 20.95
C GLY B 281 9.45 17.81 20.45
N ALA B 282 10.03 19.01 20.54
CA ALA B 282 9.35 20.23 20.12
C ALA B 282 9.01 20.15 18.66
N GLU B 283 7.73 20.29 18.35
CA GLU B 283 7.29 20.24 16.97
C GLU B 283 8.04 21.25 16.12
N ALA B 284 8.57 22.27 16.78
CA ALA B 284 9.29 23.32 16.09
C ALA B 284 10.71 22.95 15.69
N THR B 285 11.24 21.86 16.23
CA THR B 285 12.61 21.44 15.88
C THR B 285 12.67 20.10 15.13
N SER B 286 11.84 19.14 15.51
CA SER B 286 11.83 17.82 14.87
C SER B 286 10.44 17.19 14.83
N GLY B 287 10.38 15.95 14.36
CA GLY B 287 9.10 15.28 14.28
C GLY B 287 9.11 14.11 13.32
N VAL B 288 8.06 13.31 13.39
CA VAL B 288 7.95 12.13 12.53
C VAL B 288 7.04 12.34 11.31
N VAL B 289 7.69 12.66 10.20
CA VAL B 289 7.00 12.98 8.96
C VAL B 289 6.55 11.80 8.11
N GLY B 290 6.92 10.59 8.49
CA GLY B 290 6.54 9.43 7.71
C GLY B 290 7.42 8.23 8.05
N TRP B 291 7.08 7.08 7.46
CA TRP B 291 7.82 5.88 7.74
C TRP B 291 8.05 5.09 6.46
N GLY B 292 9.30 5.02 6.02
CA GLY B 292 9.64 4.32 4.79
C GLY B 292 9.71 2.79 4.81
N ASN B 293 9.93 2.20 3.65
CA ASN B 293 10.02 0.75 3.52
C ASN B 293 11.49 0.29 3.46
N MET B 294 12.16 0.39 4.61
CA MET B 294 13.54 -0.01 4.74
C MET B 294 13.62 -0.61 6.13
N ASP B 295 14.31 -1.74 6.26
CA ASP B 295 14.41 -2.32 7.57
C ASP B 295 15.22 -1.35 8.41
N THR B 296 15.00 -1.38 9.72
CA THR B 296 15.70 -0.45 10.57
C THR B 296 16.99 -0.98 11.15
N ILE B 297 18.06 -0.22 10.97
CA ILE B 297 19.35 -0.64 11.47
C ILE B 297 19.46 -0.33 12.97
N VAL B 298 19.79 -1.35 13.74
CA VAL B 298 19.93 -1.21 15.19
C VAL B 298 21.41 -1.28 15.56
N ILE B 299 21.87 -0.45 16.49
CA ILE B 299 23.28 -0.46 16.87
C ILE B 299 23.53 -0.35 18.35
N ARG B 300 24.10 -1.39 18.97
CA ARG B 300 24.40 -1.32 20.39
C ARG B 300 25.87 -0.97 20.56
N VAL B 301 26.13 0.11 21.26
CA VAL B 301 27.50 0.52 21.48
C VAL B 301 27.83 0.52 22.98
N SER B 302 28.51 -0.55 23.42
CA SER B 302 28.89 -0.71 24.83
C SER B 302 30.12 0.11 25.18
N ALA B 303 29.99 0.99 26.18
CA ALA B 303 31.12 1.81 26.64
C ALA B 303 31.38 1.40 28.07
N PRO B 304 32.56 0.84 28.33
CA PRO B 304 32.91 0.43 29.68
C PRO B 304 33.14 1.63 30.55
N GLU B 305 33.31 1.37 31.83
CA GLU B 305 33.56 2.42 32.79
C GLU B 305 35.01 2.88 32.62
N GLY B 306 35.19 4.17 32.45
CA GLY B 306 36.54 4.70 32.32
C GLY B 306 37.09 4.58 30.91
N ALA B 307 36.21 4.35 29.95
CA ALA B 307 36.65 4.22 28.59
C ALA B 307 36.25 5.43 27.78
N VAL B 308 37.21 5.95 27.03
CA VAL B 308 36.96 7.12 26.18
C VAL B 308 36.65 6.70 24.75
N ASN B 309 35.37 6.65 24.42
CA ASN B 309 35.00 6.25 23.09
C ASN B 309 34.45 7.42 22.28
N SER B 310 35.33 7.98 21.46
CA SER B 310 35.01 9.11 20.61
C SER B 310 34.99 8.60 19.16
N ALA B 311 34.03 9.08 18.38
CA ALA B 311 33.92 8.66 17.00
C ALA B 311 33.13 9.64 16.16
N ILE B 312 33.14 9.45 14.86
CA ILE B 312 32.38 10.30 13.97
C ILE B 312 31.27 9.43 13.44
N LEU B 313 30.09 10.00 13.34
CA LEU B 313 28.97 9.25 12.86
C LEU B 313 28.45 9.84 11.57
N LYS B 314 28.31 9.02 10.53
CA LYS B 314 27.79 9.48 9.25
C LYS B 314 26.52 8.75 8.86
N ALA B 315 25.66 9.43 8.09
CA ALA B 315 24.42 8.82 7.63
C ALA B 315 24.00 9.29 6.23
N TRP B 316 23.61 8.33 5.38
CA TRP B 316 23.20 8.58 3.99
C TRP B 316 21.73 8.29 3.83
N SER B 317 21.12 8.98 2.87
CA SER B 317 19.72 8.76 2.59
C SER B 317 19.40 9.29 1.23
N CYS B 318 19.17 8.37 0.30
CA CYS B 318 18.80 8.78 -1.05
C CYS B 318 17.27 8.69 -0.99
N ILE B 319 16.59 9.84 -0.91
CA ILE B 319 15.12 9.85 -0.88
C ILE B 319 14.54 10.57 -2.09
N GLU B 320 13.43 10.05 -2.60
CA GLU B 320 12.78 10.60 -3.76
C GLU B 320 11.43 11.11 -3.26
N TYR B 321 11.19 12.42 -3.40
CA TYR B 321 9.95 13.00 -2.92
C TYR B 321 9.07 13.48 -4.06
N ARG B 322 7.80 13.67 -3.73
CA ARG B 322 6.83 14.21 -4.68
C ARG B 322 6.67 15.68 -4.27
N PRO B 323 7.31 16.59 -5.02
CA PRO B 323 7.25 18.02 -4.74
C PRO B 323 5.90 18.66 -4.97
N ASN B 324 5.54 19.56 -4.08
CA ASN B 324 4.30 20.29 -4.21
C ASN B 324 4.59 21.45 -5.13
N PRO B 325 3.72 21.64 -6.12
CA PRO B 325 3.85 22.72 -7.11
C PRO B 325 4.19 24.08 -6.51
N ASN B 326 3.74 24.30 -5.27
CA ASN B 326 3.97 25.55 -4.56
C ASN B 326 5.37 25.67 -3.96
N ALA B 327 5.91 24.55 -3.47
CA ALA B 327 7.24 24.52 -2.83
C ALA B 327 8.37 25.17 -3.63
N MET B 328 9.28 25.84 -2.92
CA MET B 328 10.43 26.52 -3.55
C MET B 328 11.48 25.48 -3.81
N LEU B 329 10.99 24.26 -3.77
CA LEU B 329 11.73 23.01 -3.93
C LEU B 329 11.58 22.50 -5.35
N TYR B 330 10.34 22.56 -5.79
CA TYR B 330 9.88 22.11 -7.10
C TYR B 330 10.79 22.43 -8.28
N GLN B 331 11.46 23.58 -8.25
CA GLN B 331 12.30 23.98 -9.36
C GLN B 331 13.54 23.10 -9.55
N PHE B 332 13.82 22.25 -8.57
CA PHE B 332 14.97 21.33 -8.60
C PHE B 332 14.54 19.93 -9.04
N GLY B 333 13.23 19.73 -9.17
CA GLY B 333 12.73 18.43 -9.57
C GLY B 333 13.01 18.06 -11.00
N HIS B 334 12.81 16.77 -11.27
CA HIS B 334 13.01 16.19 -12.59
C HIS B 334 12.15 14.93 -12.60
N ASP B 335 12.20 14.18 -13.70
CA ASP B 335 11.42 12.96 -13.82
C ASP B 335 12.18 11.76 -13.29
N SER B 336 11.44 10.79 -12.75
CA SER B 336 12.05 9.60 -12.20
C SER B 336 12.69 8.83 -13.35
N PRO B 337 13.77 8.13 -13.07
CA PRO B 337 14.47 7.35 -14.09
C PRO B 337 13.62 6.21 -14.64
N PRO B 338 13.84 5.89 -15.90
CA PRO B 338 13.11 4.82 -16.58
C PRO B 338 13.46 3.47 -15.99
N LEU B 339 12.60 2.47 -16.18
CA LEU B 339 12.85 1.14 -15.66
C LEU B 339 14.15 0.56 -16.19
N ASP B 340 14.89 -0.08 -15.28
CA ASP B 340 16.18 -0.69 -15.62
C ASP B 340 16.17 -2.08 -14.97
N GLU B 341 15.49 -3.01 -15.64
CA GLU B 341 15.37 -4.38 -15.18
C GLU B 341 16.64 -4.89 -14.51
N VAL B 342 17.76 -4.67 -15.20
CA VAL B 342 19.07 -5.10 -14.73
C VAL B 342 19.35 -4.55 -13.35
N ALA B 343 19.48 -3.23 -13.28
CA ALA B 343 19.77 -2.53 -12.03
C ALA B 343 18.88 -3.01 -10.87
N LEU B 344 17.61 -3.23 -11.17
CA LEU B 344 16.70 -3.69 -10.13
C LEU B 344 17.04 -5.08 -9.62
N GLN B 345 17.35 -6.01 -10.52
CA GLN B 345 17.70 -7.37 -10.11
C GLN B 345 19.08 -7.37 -9.46
N GLU B 346 19.94 -6.45 -9.88
CA GLU B 346 21.28 -6.33 -9.32
C GLU B 346 21.14 -5.87 -7.90
N TYR B 347 20.37 -4.80 -7.74
CA TYR B 347 20.10 -4.23 -6.42
C TYR B 347 19.74 -5.34 -5.44
N ARG B 348 18.70 -6.10 -5.79
CA ARG B 348 18.20 -7.18 -4.96
C ARG B 348 19.26 -8.17 -4.59
N THR B 349 20.05 -8.56 -5.60
CA THR B 349 21.10 -9.54 -5.40
C THR B 349 22.17 -9.00 -4.49
N VAL B 350 22.73 -7.85 -4.86
CA VAL B 350 23.77 -7.21 -4.06
C VAL B 350 23.33 -7.07 -2.62
N ALA B 351 22.12 -6.58 -2.47
CA ALA B 351 21.55 -6.38 -1.16
C ALA B 351 21.60 -7.67 -0.36
N ARG B 352 20.87 -8.68 -0.81
CA ARG B 352 20.85 -9.96 -0.11
C ARG B 352 22.24 -10.57 0.08
N SER B 353 23.16 -10.23 -0.81
CA SER B 353 24.53 -10.76 -0.77
C SER B 353 25.43 -10.15 0.29
N LEU B 354 25.46 -8.81 0.33
CA LEU B 354 26.28 -8.09 1.29
C LEU B 354 26.04 -8.53 2.72
N PRO B 355 27.07 -8.41 3.56
CA PRO B 355 27.02 -8.77 4.98
C PRO B 355 26.25 -7.74 5.80
N VAL B 356 25.84 -8.14 7.00
CA VAL B 356 25.08 -7.24 7.85
C VAL B 356 25.76 -5.87 7.86
N ALA B 357 27.01 -5.86 8.29
CA ALA B 357 27.82 -4.65 8.34
C ALA B 357 29.27 -5.08 8.16
N VAL B 358 30.15 -4.10 8.01
CA VAL B 358 31.57 -4.38 7.84
C VAL B 358 32.29 -3.42 8.78
N ILE B 359 33.56 -3.66 9.03
CA ILE B 359 34.24 -2.73 9.91
C ILE B 359 34.49 -1.43 9.14
N ALA B 360 34.59 -0.35 9.88
CA ALA B 360 34.82 0.96 9.30
C ALA B 360 35.96 0.89 8.30
N ALA B 361 36.97 0.11 8.65
CA ALA B 361 38.14 -0.03 7.80
C ALA B 361 37.75 -0.17 6.32
N GLN B 362 37.04 -1.25 5.96
CA GLN B 362 36.65 -1.50 4.57
C GLN B 362 35.38 -0.81 4.09
N THR B 363 35.32 0.50 4.32
CA THR B 363 34.18 1.30 3.90
C THR B 363 34.38 1.63 2.43
N ALA B 364 35.63 1.92 2.07
CA ALA B 364 36.00 2.27 0.69
C ALA B 364 36.02 1.01 -0.19
N SER B 365 36.54 -0.07 0.38
CA SER B 365 36.63 -1.34 -0.30
C SER B 365 35.22 -1.82 -0.61
N MET B 366 34.24 -1.12 -0.04
CA MET B 366 32.83 -1.46 -0.23
C MET B 366 32.43 -1.45 -1.70
N TRP B 367 32.46 -0.28 -2.33
CA TRP B 367 32.08 -0.15 -3.72
C TRP B 367 32.64 -1.29 -4.56
N GLU B 368 33.88 -1.67 -4.28
CA GLU B 368 34.51 -2.74 -5.02
C GLU B 368 33.87 -4.08 -4.70
N ARG B 369 33.71 -4.38 -3.41
CA ARG B 369 33.09 -5.64 -2.99
C ARG B 369 31.78 -5.82 -3.73
N VAL B 370 31.11 -4.70 -3.97
CA VAL B 370 29.82 -4.69 -4.67
C VAL B 370 30.02 -5.04 -6.12
N LYS B 371 30.82 -4.23 -6.81
CA LYS B 371 31.09 -4.41 -8.23
C LYS B 371 31.50 -5.87 -8.52
N SER B 372 31.97 -6.55 -7.48
CA SER B 372 32.37 -7.95 -7.60
C SER B 372 31.13 -8.80 -7.71
N ILE B 373 30.30 -8.74 -6.67
CA ILE B 373 29.08 -9.52 -6.62
C ILE B 373 28.25 -9.39 -7.90
N ILE B 374 28.28 -8.22 -8.52
CA ILE B 374 27.53 -7.97 -9.75
C ILE B 374 28.01 -8.81 -10.91
N LYS B 375 29.29 -8.73 -11.19
CA LYS B 375 29.87 -9.49 -12.28
C LYS B 375 29.77 -10.99 -12.02
N SER B 376 29.80 -11.36 -10.75
CA SER B 376 29.74 -12.77 -10.35
C SER B 376 28.38 -13.42 -10.63
N SER B 377 27.31 -12.71 -10.31
CA SER B 377 25.96 -13.22 -10.53
C SER B 377 25.46 -12.90 -11.94
N LEU B 378 26.02 -11.87 -12.57
CA LEU B 378 25.62 -11.50 -13.92
C LEU B 378 26.39 -12.37 -14.91
N ALA B 379 27.37 -13.11 -14.40
CA ALA B 379 28.19 -14.00 -15.23
C ALA B 379 27.52 -15.37 -15.31
N ALA B 380 26.96 -15.83 -14.19
CA ALA B 380 26.29 -17.12 -14.14
C ALA B 380 24.93 -17.12 -14.87
N ALA B 381 24.42 -15.92 -15.18
CA ALA B 381 23.13 -15.78 -15.88
C ALA B 381 23.25 -16.08 -17.38
N ALA C 55 9.67 -29.02 -20.40
CA ALA C 55 8.92 -27.74 -20.48
C ALA C 55 8.90 -27.01 -19.12
N LEU C 56 8.55 -27.74 -18.07
CA LEU C 56 8.49 -27.20 -16.70
C LEU C 56 9.88 -27.08 -16.10
N THR C 57 10.87 -26.89 -16.97
CA THR C 57 12.23 -26.78 -16.54
C THR C 57 12.72 -25.34 -16.76
N ARG C 58 11.76 -24.45 -17.05
CA ARG C 58 12.05 -23.03 -17.26
C ARG C 58 11.80 -22.28 -15.96
N LEU C 59 11.29 -23.03 -14.96
CA LEU C 59 10.99 -22.52 -13.64
C LEU C 59 12.11 -22.83 -12.67
N SER C 60 12.43 -21.87 -11.79
CA SER C 60 13.48 -22.08 -10.81
C SER C 60 12.94 -23.12 -9.83
N GLN C 61 13.83 -23.77 -9.10
CA GLN C 61 13.40 -24.77 -8.13
C GLN C 61 12.26 -24.25 -7.26
N PRO C 62 12.45 -23.05 -6.65
CA PRO C 62 11.45 -22.42 -5.78
C PRO C 62 10.24 -21.99 -6.56
N GLY C 63 10.48 -21.40 -7.72
CA GLY C 63 9.42 -20.93 -8.58
C GLY C 63 8.41 -22.02 -8.86
N LEU C 64 8.91 -23.25 -8.88
CA LEU C 64 8.06 -24.38 -9.13
C LEU C 64 7.36 -24.75 -7.82
N ALA C 65 8.18 -24.90 -6.78
CA ALA C 65 7.70 -25.24 -5.44
C ALA C 65 6.54 -24.31 -5.08
N PHE C 66 6.77 -23.03 -5.38
CA PHE C 66 5.83 -21.94 -5.17
C PHE C 66 4.48 -22.25 -5.79
N LEU C 67 4.52 -22.63 -7.07
CA LEU C 67 3.31 -22.95 -7.80
C LEU C 67 2.58 -24.15 -7.21
N LYS C 68 3.31 -25.00 -6.50
CA LYS C 68 2.70 -26.16 -5.89
C LYS C 68 2.02 -25.77 -4.56
N CYS C 69 2.77 -25.11 -3.66
CA CYS C 69 2.23 -24.67 -2.36
C CYS C 69 0.95 -23.91 -2.65
N ALA C 70 0.96 -23.24 -3.79
CA ALA C 70 -0.15 -22.41 -4.21
C ALA C 70 -1.43 -23.08 -4.62
N PHE C 71 -1.39 -23.87 -5.67
CA PHE C 71 -2.56 -24.56 -6.20
C PHE C 71 -2.75 -26.01 -5.84
N ALA C 72 -1.86 -26.58 -5.04
CA ALA C 72 -2.02 -27.97 -4.68
C ALA C 72 -1.94 -28.16 -3.19
N PRO C 73 -2.63 -29.16 -2.68
CA PRO C 73 -2.60 -29.38 -1.24
C PRO C 73 -1.35 -30.18 -1.10
N PRO C 74 -0.32 -29.57 -0.55
CA PRO C 74 0.95 -30.27 -0.37
C PRO C 74 0.97 -31.06 0.90
N ASP C 75 0.19 -32.13 0.95
CA ASP C 75 0.16 -32.96 2.15
C ASP C 75 1.55 -33.54 2.25
N PHE C 76 2.21 -33.58 1.10
CA PHE C 76 3.55 -34.09 1.01
C PHE C 76 4.35 -33.19 1.91
N ASN C 77 5.24 -33.80 2.70
CA ASN C 77 6.07 -33.07 3.63
C ASN C 77 7.34 -32.55 2.98
N THR C 78 7.17 -31.62 2.04
CA THR C 78 8.20 -30.64 1.71
C THR C 78 8.34 -29.58 2.79
N ASP C 79 9.52 -28.98 2.88
CA ASP C 79 9.66 -27.78 3.69
C ASP C 79 8.77 -26.71 3.09
N PRO C 80 7.96 -26.09 3.93
CA PRO C 80 6.52 -26.08 3.67
C PRO C 80 6.20 -25.33 2.39
N GLY C 81 6.84 -24.20 2.20
CA GLY C 81 7.11 -23.66 0.88
C GLY C 81 8.49 -23.04 0.90
N LYS C 82 9.12 -22.90 -0.27
CA LYS C 82 10.33 -22.09 -0.36
C LYS C 82 10.09 -20.62 -0.08
N GLY C 83 9.00 -20.07 -0.60
CA GLY C 83 8.80 -18.63 -0.60
C GLY C 83 8.30 -18.10 -1.92
N ILE C 84 8.14 -16.79 -2.02
CA ILE C 84 7.66 -16.21 -3.26
C ILE C 84 8.73 -15.72 -4.22
N PRO C 85 8.63 -16.17 -5.45
CA PRO C 85 9.58 -15.79 -6.51
C PRO C 85 9.15 -14.46 -7.06
N ASP C 86 9.45 -13.43 -6.29
CA ASP C 86 9.13 -12.05 -6.61
C ASP C 86 10.44 -11.33 -6.42
N ARG C 87 10.48 -10.06 -6.78
CA ARG C 87 11.70 -9.29 -6.64
C ARG C 87 12.22 -9.27 -5.21
N PHE C 88 11.33 -9.39 -4.23
CA PHE C 88 11.78 -9.38 -2.86
C PHE C 88 12.57 -10.64 -2.48
N GLU C 89 13.72 -10.39 -1.84
CA GLU C 89 14.61 -11.45 -1.38
C GLU C 89 15.14 -11.23 0.04
N GLY C 90 14.40 -10.48 0.85
CA GLY C 90 14.83 -10.27 2.22
C GLY C 90 14.48 -11.49 3.06
N LYS C 91 14.93 -11.51 4.32
CA LYS C 91 14.67 -12.64 5.20
C LYS C 91 13.20 -12.79 5.60
N VAL C 92 12.69 -13.99 5.43
CA VAL C 92 11.31 -14.30 5.75
C VAL C 92 11.22 -15.69 6.34
N VAL C 93 10.03 -16.06 6.79
CA VAL C 93 9.83 -17.40 7.30
C VAL C 93 8.57 -17.94 6.65
N SER C 94 8.73 -19.03 5.92
CA SER C 94 7.63 -19.66 5.23
C SER C 94 6.88 -20.51 6.21
N ARG C 95 5.68 -20.04 6.56
CA ARG C 95 4.81 -20.70 7.50
C ARG C 95 3.74 -21.48 6.76
N LYS C 96 3.78 -22.80 6.91
CA LYS C 96 2.78 -23.64 6.28
C LYS C 96 1.67 -24.00 7.28
N ASP C 97 0.59 -23.24 7.25
CA ASP C 97 -0.54 -23.46 8.15
C ASP C 97 -1.46 -24.54 7.58
N VAL C 98 -1.88 -25.47 8.43
CA VAL C 98 -2.76 -26.56 8.00
C VAL C 98 -3.73 -26.96 9.08
N LEU C 99 -5.00 -26.98 8.72
CA LEU C 99 -6.04 -27.32 9.66
C LEU C 99 -6.82 -28.56 9.29
N ASN C 100 -7.08 -29.38 10.29
CA ASN C 100 -7.87 -30.56 10.09
C ASN C 100 -9.00 -30.44 11.10
N GLN C 101 -10.19 -30.15 10.61
CA GLN C 101 -11.32 -29.98 11.50
C GLN C 101 -12.47 -30.90 11.15
N SER C 102 -12.87 -31.73 12.11
CA SER C 102 -13.99 -32.63 11.94
C SER C 102 -15.16 -31.71 12.18
N ILE C 103 -16.19 -31.84 11.36
CA ILE C 103 -17.31 -30.94 11.53
C ILE C 103 -18.66 -31.50 11.07
N SER C 104 -19.63 -31.43 11.98
CA SER C 104 -20.99 -31.91 11.75
C SER C 104 -21.89 -30.68 11.50
N PHE C 105 -22.72 -30.74 10.46
CA PHE C 105 -23.60 -29.62 10.12
C PHE C 105 -25.01 -29.85 10.63
N THR C 106 -25.52 -28.87 11.37
CA THR C 106 -26.85 -28.94 11.93
C THR C 106 -27.94 -28.84 10.84
N ALA C 107 -28.92 -29.72 10.96
CA ALA C 107 -30.01 -29.80 10.01
C ALA C 107 -30.90 -28.56 10.03
N GLY C 108 -31.49 -28.21 8.89
CA GLY C 108 -32.35 -27.06 8.81
C GLY C 108 -31.59 -25.75 8.85
N GLN C 109 -30.26 -25.85 8.83
CA GLN C 109 -29.40 -24.68 8.85
C GLN C 109 -28.56 -24.63 7.62
N ASP C 110 -28.29 -23.41 7.17
CA ASP C 110 -27.44 -23.17 6.02
C ASP C 110 -26.18 -22.61 6.68
N THR C 111 -25.17 -23.45 6.84
CA THR C 111 -23.93 -23.03 7.48
C THR C 111 -23.00 -22.32 6.52
N PHE C 112 -22.51 -21.16 6.94
CA PHE C 112 -21.61 -20.36 6.13
C PHE C 112 -20.20 -20.36 6.69
N ILE C 113 -19.24 -20.59 5.79
CA ILE C 113 -17.82 -20.62 6.16
C ILE C 113 -17.03 -19.67 5.31
N LEU C 114 -16.16 -18.92 5.98
CA LEU C 114 -15.36 -17.94 5.30
C LEU C 114 -13.89 -18.19 5.44
N ILE C 115 -13.25 -18.36 4.31
CA ILE C 115 -11.83 -18.57 4.32
C ILE C 115 -11.28 -17.19 4.06
N ALA C 116 -10.90 -16.50 5.13
CA ALA C 116 -10.37 -15.17 4.99
C ALA C 116 -8.88 -15.09 5.18
N PRO C 117 -8.27 -14.06 4.61
CA PRO C 117 -6.83 -13.88 4.74
C PRO C 117 -6.49 -13.22 6.04
N THR C 118 -6.87 -13.86 7.13
CA THR C 118 -6.60 -13.36 8.46
C THR C 118 -5.62 -14.37 8.97
N PRO C 119 -4.41 -13.92 9.26
CA PRO C 119 -3.39 -14.84 9.75
C PRO C 119 -3.70 -15.49 11.08
N GLY C 120 -3.47 -16.79 11.16
CA GLY C 120 -3.69 -17.55 12.37
C GLY C 120 -5.09 -18.12 12.47
N VAL C 121 -5.98 -17.74 11.56
CA VAL C 121 -7.33 -18.26 11.61
C VAL C 121 -7.68 -18.96 10.32
N ALA C 122 -7.96 -20.26 10.40
CA ALA C 122 -8.30 -21.00 9.20
C ALA C 122 -9.61 -20.58 8.56
N TYR C 123 -10.65 -20.41 9.37
CA TYR C 123 -11.95 -20.01 8.83
C TYR C 123 -12.90 -19.47 9.89
N TRP C 124 -13.96 -18.82 9.43
CA TRP C 124 -14.97 -18.25 10.31
C TRP C 124 -16.32 -18.81 9.88
N SER C 125 -17.16 -19.18 10.83
CA SER C 125 -18.46 -19.70 10.45
C SER C 125 -19.59 -19.25 11.35
N ALA C 126 -20.80 -19.55 10.87
CA ALA C 126 -22.04 -19.23 11.55
C ALA C 126 -23.16 -19.86 10.73
N SER C 127 -24.25 -20.28 11.38
CA SER C 127 -25.36 -20.85 10.65
C SER C 127 -26.62 -19.99 10.74
N VAL C 128 -27.34 -19.96 9.62
CA VAL C 128 -28.57 -19.20 9.49
C VAL C 128 -29.62 -20.22 9.07
N PRO C 129 -30.90 -19.97 9.38
CA PRO C 129 -31.96 -20.89 9.00
C PRO C 129 -31.91 -21.20 7.53
N ALA C 130 -32.31 -22.42 7.18
CA ALA C 130 -32.27 -22.84 5.79
C ALA C 130 -32.95 -21.83 4.83
N GLY C 131 -32.34 -21.67 3.65
CA GLY C 131 -32.87 -20.77 2.63
C GLY C 131 -32.59 -19.30 2.89
N THR C 132 -31.82 -19.03 3.93
CA THR C 132 -31.52 -17.65 4.28
C THR C 132 -30.02 -17.40 4.33
N PHE C 133 -29.68 -16.11 4.41
CA PHE C 133 -28.29 -15.68 4.47
C PHE C 133 -28.07 -14.93 5.77
N PRO C 134 -26.82 -14.52 6.04
CA PRO C 134 -26.50 -13.78 7.26
C PRO C 134 -27.29 -12.49 7.31
N THR C 135 -27.49 -11.98 8.52
CA THR C 135 -28.22 -10.75 8.77
C THR C 135 -27.38 -9.95 9.75
N SER C 136 -27.87 -8.78 10.14
CA SER C 136 -27.15 -7.94 11.10
C SER C 136 -27.01 -8.71 12.41
N ALA C 137 -27.98 -9.59 12.63
CA ALA C 137 -28.05 -10.43 13.81
C ALA C 137 -27.05 -11.57 13.81
N THR C 138 -26.18 -11.60 12.80
CA THR C 138 -25.21 -12.67 12.69
C THR C 138 -23.80 -12.29 13.09
N THR C 139 -23.13 -13.25 13.70
CA THR C 139 -21.75 -13.09 14.14
C THR C 139 -20.93 -14.31 13.79
N PHE C 140 -19.80 -14.12 13.12
CA PHE C 140 -18.94 -15.23 12.73
C PHE C 140 -17.82 -15.49 13.73
N ASN C 141 -17.64 -16.74 14.11
CA ASN C 141 -16.61 -17.11 15.05
C ASN C 141 -15.48 -17.86 14.35
N PRO C 142 -14.27 -17.37 14.54
CA PRO C 142 -13.06 -17.93 13.95
C PRO C 142 -12.58 -19.26 14.50
N VAL C 143 -12.00 -20.08 13.63
CA VAL C 143 -11.48 -21.37 14.02
C VAL C 143 -10.01 -21.26 13.64
N ASN C 144 -9.15 -21.13 14.63
CA ASN C 144 -7.71 -21.00 14.41
C ASN C 144 -6.93 -22.24 14.02
N TYR C 145 -5.84 -22.01 13.29
CA TYR C 145 -4.96 -23.06 12.83
C TYR C 145 -4.26 -23.40 14.12
N PRO C 146 -3.58 -24.53 14.18
CA PRO C 146 -2.88 -24.91 15.41
C PRO C 146 -1.79 -23.91 15.76
N GLY C 147 -1.54 -23.75 17.06
CA GLY C 147 -0.53 -22.84 17.57
C GLY C 147 -0.69 -21.35 17.29
N PHE C 148 -1.92 -20.85 17.36
CA PHE C 148 -2.18 -19.44 17.11
C PHE C 148 -1.45 -18.56 18.12
N THR C 149 -1.64 -18.91 19.38
CA THR C 149 -1.02 -18.15 20.46
C THR C 149 0.48 -18.26 20.40
N SER C 150 1.00 -19.39 19.92
CA SER C 150 2.45 -19.58 19.85
C SER C 150 3.16 -18.58 18.93
N MET C 151 2.37 -17.74 18.26
CA MET C 151 2.92 -16.74 17.35
C MET C 151 2.43 -15.32 17.63
N PHE C 152 1.21 -15.25 18.11
CA PHE C 152 0.60 -13.96 18.35
C PHE C 152 0.30 -13.63 19.80
N GLY C 153 0.81 -14.43 20.70
CA GLY C 153 0.58 -14.15 22.12
C GLY C 153 -0.82 -14.38 22.62
N THR C 154 -1.12 -13.78 23.78
CA THR C 154 -2.40 -13.92 24.45
C THR C 154 -3.07 -12.63 24.85
N THR C 155 -2.68 -11.54 24.20
CA THR C 155 -3.27 -10.25 24.49
C THR C 155 -3.35 -9.48 23.18
N SER C 156 -4.45 -8.80 22.94
CA SER C 156 -4.60 -8.06 21.69
C SER C 156 -3.44 -7.10 21.39
N THR C 157 -2.48 -6.94 22.31
CA THR C 157 -1.35 -6.04 22.04
C THR C 157 0.02 -6.73 22.04
N SER C 158 0.04 -7.97 21.59
CA SER C 158 1.27 -8.73 21.55
C SER C 158 1.35 -9.61 20.29
N ARG C 159 0.72 -9.13 19.22
CA ARG C 159 0.73 -9.84 17.96
C ARG C 159 2.04 -9.58 17.21
N SER C 160 2.44 -8.31 17.20
CA SER C 160 3.66 -7.84 16.55
C SER C 160 4.91 -8.20 17.35
N ASP C 161 4.75 -9.12 18.30
CA ASP C 161 5.87 -9.50 19.13
C ASP C 161 6.84 -10.42 18.39
N GLN C 162 6.25 -11.46 17.79
CA GLN C 162 7.01 -12.47 17.04
C GLN C 162 7.40 -12.02 15.61
N VAL C 163 6.42 -11.52 14.87
CA VAL C 163 6.62 -11.06 13.50
C VAL C 163 6.06 -9.66 13.33
N SER C 164 6.53 -8.94 12.32
CA SER C 164 6.03 -7.60 12.08
C SER C 164 5.07 -7.53 10.88
N SER C 165 5.40 -8.13 9.75
CA SER C 165 4.48 -8.08 8.62
C SER C 165 4.31 -9.43 7.97
N PHE C 166 3.52 -9.48 6.90
CA PHE C 166 3.30 -10.75 6.24
C PHE C 166 2.75 -10.59 4.84
N ARG C 167 2.64 -11.71 4.16
CA ARG C 167 2.07 -11.75 2.84
C ARG C 167 1.75 -13.21 2.52
N TYR C 168 0.50 -13.45 2.14
CA TYR C 168 0.03 -14.78 1.82
C TYR C 168 0.54 -15.21 0.46
N ALA C 169 0.59 -16.53 0.24
CA ALA C 169 1.00 -17.06 -1.06
C ALA C 169 -0.08 -18.05 -1.52
N SER C 170 -0.56 -18.87 -0.60
CA SER C 170 -1.61 -19.82 -0.94
C SER C 170 -2.68 -19.80 0.13
N MET C 171 -3.86 -20.22 -0.29
CA MET C 171 -4.98 -20.31 0.63
C MET C 171 -5.91 -21.32 -0.02
N ASN C 172 -5.83 -22.57 0.42
CA ASN C 172 -6.64 -23.64 -0.11
C ASN C 172 -7.55 -24.19 0.97
N VAL C 173 -8.63 -24.83 0.55
CA VAL C 173 -9.57 -25.43 1.48
C VAL C 173 -10.32 -26.59 0.83
N GLY C 174 -10.54 -27.64 1.60
CA GLY C 174 -11.27 -28.78 1.08
C GLY C 174 -12.26 -29.31 2.10
N ILE C 175 -13.36 -29.86 1.60
CA ILE C 175 -14.38 -30.43 2.48
C ILE C 175 -14.64 -31.85 2.05
N TYR C 176 -14.30 -32.78 2.93
CA TYR C 176 -14.47 -34.19 2.61
C TYR C 176 -15.53 -34.85 3.45
N PRO C 177 -16.69 -35.10 2.83
CA PRO C 177 -17.86 -35.73 3.46
C PRO C 177 -17.52 -37.00 4.22
N THR C 178 -18.13 -37.18 5.38
CA THR C 178 -17.89 -38.38 6.16
C THR C 178 -19.21 -39.09 6.47
N SER C 179 -20.33 -38.54 6.00
CA SER C 179 -21.63 -39.18 6.24
C SER C 179 -21.92 -40.32 5.25
N ASN C 180 -22.91 -41.15 5.58
CA ASN C 180 -23.25 -42.26 4.69
C ASN C 180 -24.14 -41.80 3.55
N LEU C 181 -24.41 -42.70 2.62
CA LEU C 181 -25.19 -42.33 1.44
C LEU C 181 -26.69 -42.39 1.59
N MET C 182 -27.15 -42.69 2.80
CA MET C 182 -28.57 -42.81 3.04
C MET C 182 -29.10 -41.67 3.88
N GLN C 183 -28.19 -41.00 4.59
CA GLN C 183 -28.56 -39.94 5.51
C GLN C 183 -28.25 -38.53 5.04
N PHE C 184 -27.22 -38.38 4.21
CA PHE C 184 -26.86 -37.06 3.72
C PHE C 184 -27.97 -36.47 2.85
N ALA C 185 -27.83 -35.18 2.58
CA ALA C 185 -28.75 -34.44 1.73
C ALA C 185 -28.19 -33.04 1.68
N GLY C 186 -28.67 -32.22 0.76
CA GLY C 186 -28.15 -30.87 0.75
C GLY C 186 -27.07 -30.59 -0.29
N SER C 187 -26.52 -29.38 -0.21
CA SER C 187 -25.51 -28.92 -1.16
C SER C 187 -24.39 -28.08 -0.58
N ILE C 188 -23.38 -27.89 -1.42
CA ILE C 188 -22.26 -27.05 -1.06
C ILE C 188 -22.14 -26.06 -2.20
N THR C 189 -22.23 -24.78 -1.85
CA THR C 189 -22.14 -23.75 -2.84
C THR C 189 -20.90 -22.92 -2.51
N VAL C 190 -20.18 -22.47 -3.54
CA VAL C 190 -18.97 -21.68 -3.33
C VAL C 190 -18.74 -20.56 -4.31
N TRP C 191 -18.38 -19.41 -3.77
CA TRP C 191 -18.04 -18.23 -4.56
C TRP C 191 -16.98 -17.47 -3.77
N LYS C 192 -16.34 -16.50 -4.40
CA LYS C 192 -15.29 -15.77 -3.71
C LYS C 192 -15.57 -14.27 -3.66
N CYS C 193 -15.31 -13.65 -2.52
CA CYS C 193 -15.55 -12.21 -2.37
C CYS C 193 -14.33 -11.35 -2.22
N PRO C 194 -14.33 -10.21 -2.93
CA PRO C 194 -13.21 -9.28 -2.89
C PRO C 194 -13.18 -8.49 -1.57
N VAL C 195 -13.28 -9.19 -0.45
CA VAL C 195 -13.27 -8.51 0.83
C VAL C 195 -11.93 -7.94 1.20
N LYS C 196 -11.93 -6.61 1.35
CA LYS C 196 -10.75 -5.81 1.72
C LYS C 196 -11.02 -5.26 3.12
N LEU C 197 -10.02 -4.65 3.73
CA LEU C 197 -10.20 -4.08 5.06
C LEU C 197 -9.90 -2.59 5.07
N SER C 198 -10.96 -1.80 5.00
CA SER C 198 -10.84 -0.36 4.97
C SER C 198 -11.10 0.28 6.34
N THR C 199 -11.74 1.45 6.30
CA THR C 199 -12.07 2.24 7.48
C THR C 199 -13.30 3.12 7.26
N VAL C 200 -13.92 3.46 8.38
CA VAL C 200 -15.11 4.31 8.35
C VAL C 200 -14.87 5.55 9.20
N GLN C 201 -15.31 6.69 8.68
CA GLN C 201 -15.15 7.96 9.37
C GLN C 201 -16.50 8.54 9.78
N PHE C 202 -16.67 8.69 11.08
CA PHE C 202 -17.91 9.26 11.58
C PHE C 202 -17.64 10.08 12.83
N PRO C 203 -18.56 11.00 13.16
CA PRO C 203 -18.43 11.85 14.33
C PRO C 203 -19.12 11.28 15.59
N VAL C 204 -18.67 11.73 16.76
CA VAL C 204 -19.23 11.30 18.05
C VAL C 204 -19.49 12.50 18.97
N ALA C 205 -20.66 12.49 19.61
CA ALA C 205 -21.07 13.56 20.51
C ALA C 205 -20.48 13.40 21.90
N THR C 206 -19.19 13.68 22.02
CA THR C 206 -18.51 13.57 23.29
C THR C 206 -18.19 15.00 23.68
N ASP C 207 -17.46 15.15 24.78
CA ASP C 207 -17.08 16.48 25.21
C ASP C 207 -15.57 16.59 25.37
N PRO C 208 -14.89 17.29 24.43
CA PRO C 208 -15.52 17.95 23.27
C PRO C 208 -15.94 16.95 22.21
N ALA C 209 -16.85 17.34 21.34
CA ALA C 209 -17.29 16.44 20.28
C ALA C 209 -16.08 16.17 19.38
N THR C 210 -15.98 14.92 18.92
CA THR C 210 -14.85 14.51 18.08
C THR C 210 -15.28 13.64 16.89
N SER C 211 -14.31 13.27 16.04
CA SER C 211 -14.57 12.41 14.86
C SER C 211 -13.77 11.12 15.02
N SER C 212 -14.44 10.00 14.75
CA SER C 212 -13.79 8.73 14.85
C SER C 212 -13.34 8.18 13.50
N LEU C 213 -12.59 7.08 13.59
CA LEU C 213 -12.05 6.36 12.46
C LEU C 213 -11.71 4.97 12.95
N VAL C 214 -12.30 3.96 12.34
CA VAL C 214 -12.01 2.59 12.72
C VAL C 214 -12.06 1.62 11.55
N HIS C 215 -11.51 0.45 11.79
CA HIS C 215 -11.46 -0.58 10.78
C HIS C 215 -12.85 -1.09 10.43
N THR C 216 -13.12 -1.16 9.13
CA THR C 216 -14.39 -1.69 8.71
C THR C 216 -14.13 -2.57 7.48
N LEU C 217 -14.83 -3.69 7.41
CA LEU C 217 -14.67 -4.60 6.28
C LEU C 217 -15.59 -4.27 5.12
N VAL C 218 -14.99 -3.91 4.00
CA VAL C 218 -15.75 -3.59 2.82
C VAL C 218 -15.94 -4.83 1.92
N GLY C 219 -17.09 -4.93 1.27
CA GLY C 219 -17.33 -6.04 0.37
C GLY C 219 -17.96 -7.26 0.98
N LEU C 220 -18.25 -7.17 2.27
CA LEU C 220 -18.88 -8.28 3.01
C LEU C 220 -20.27 -8.57 2.50
N ASP C 221 -20.90 -7.54 1.94
CA ASP C 221 -22.24 -7.64 1.42
C ASP C 221 -22.29 -8.74 0.36
N GLY C 222 -21.12 -9.14 -0.12
CA GLY C 222 -21.03 -10.17 -1.13
C GLY C 222 -21.44 -11.56 -0.62
N VAL C 223 -21.45 -11.71 0.70
CA VAL C 223 -21.80 -12.97 1.33
C VAL C 223 -23.30 -13.17 1.45
N LEU C 224 -24.06 -12.09 1.23
CA LEU C 224 -25.49 -12.17 1.38
C LEU C 224 -26.21 -12.75 0.17
N ALA C 225 -25.45 -13.15 -0.83
CA ALA C 225 -26.03 -13.75 -2.02
C ALA C 225 -25.04 -14.70 -2.70
N VAL C 226 -25.57 -15.67 -3.42
CA VAL C 226 -24.73 -16.63 -4.12
C VAL C 226 -24.18 -16.04 -5.42
N GLY C 227 -22.90 -15.66 -5.39
CA GLY C 227 -22.24 -15.07 -6.55
C GLY C 227 -22.52 -15.85 -7.81
N PRO C 228 -22.62 -15.18 -8.96
CA PRO C 228 -22.88 -15.87 -10.23
C PRO C 228 -21.73 -16.83 -10.57
N ASP C 229 -20.49 -16.38 -10.38
CA ASP C 229 -19.31 -17.23 -10.61
C ASP C 229 -19.23 -18.10 -9.37
N ASN C 230 -19.76 -19.31 -9.47
CA ASN C 230 -19.79 -20.20 -8.33
C ASN C 230 -19.83 -21.68 -8.68
N PHE C 231 -19.48 -22.48 -7.67
CA PHE C 231 -19.50 -23.93 -7.79
C PHE C 231 -20.61 -24.37 -6.86
N SER C 232 -21.51 -25.19 -7.38
CA SER C 232 -22.58 -25.68 -6.54
C SER C 232 -22.83 -27.10 -6.97
N GLU C 233 -22.88 -27.99 -5.98
CA GLU C 233 -23.10 -29.41 -6.22
C GLU C 233 -23.51 -30.12 -4.92
N SER C 234 -24.05 -31.34 -5.06
CA SER C 234 -24.48 -32.16 -3.91
C SER C 234 -23.46 -32.16 -2.79
N PHE C 235 -23.96 -32.20 -1.58
CA PHE C 235 -23.09 -32.18 -0.43
C PHE C 235 -22.10 -33.32 -0.50
N ILE C 236 -22.64 -34.52 -0.59
CA ILE C 236 -21.80 -35.70 -0.59
C ILE C 236 -20.58 -35.65 -1.50
N LYS C 237 -20.61 -34.83 -2.56
CA LYS C 237 -19.48 -34.74 -3.47
C LYS C 237 -18.30 -33.91 -2.97
N GLY C 238 -18.45 -33.32 -1.79
CA GLY C 238 -17.39 -32.51 -1.20
C GLY C 238 -16.98 -31.37 -2.10
N VAL C 239 -15.79 -30.83 -1.82
CA VAL C 239 -15.27 -29.72 -2.60
C VAL C 239 -13.87 -29.31 -2.19
N PHE C 240 -13.16 -28.79 -3.19
CA PHE C 240 -11.82 -28.27 -3.02
C PHE C 240 -11.78 -26.95 -3.79
N SER C 241 -11.18 -25.94 -3.19
CA SER C 241 -11.07 -24.65 -3.83
C SER C 241 -9.95 -23.87 -3.18
N GLN C 242 -9.39 -22.93 -3.93
CA GLN C 242 -8.32 -22.13 -3.39
C GLN C 242 -8.47 -20.68 -3.86
N SER C 243 -7.82 -19.79 -3.13
CA SER C 243 -7.88 -18.36 -3.41
C SER C 243 -6.53 -17.90 -3.93
N ALA C 244 -6.50 -16.68 -4.47
CA ALA C 244 -5.27 -16.09 -4.99
C ALA C 244 -5.12 -14.59 -4.72
N CYS C 245 -3.89 -14.13 -4.83
CA CYS C 245 -3.54 -12.73 -4.61
C CYS C 245 -4.42 -11.77 -5.42
N ASN C 246 -5.25 -10.96 -4.75
CA ASN C 246 -6.14 -10.02 -5.43
C ASN C 246 -5.49 -8.67 -5.74
N GLU C 247 -4.17 -8.70 -5.91
CA GLU C 247 -3.35 -7.53 -6.25
C GLU C 247 -2.37 -7.84 -7.38
N PRO C 248 -1.89 -6.83 -8.10
CA PRO C 248 -0.94 -7.09 -9.19
C PRO C 248 0.42 -7.60 -8.66
N ASP C 249 0.72 -7.36 -7.39
CA ASP C 249 1.98 -7.83 -6.81
C ASP C 249 1.79 -8.37 -5.41
N PHE C 250 2.87 -8.86 -4.82
CA PHE C 250 2.80 -9.42 -3.48
C PHE C 250 3.34 -8.48 -2.44
N GLU C 251 2.60 -7.42 -2.14
CA GLU C 251 3.10 -6.48 -1.16
C GLU C 251 2.84 -7.01 0.24
N PHE C 252 3.67 -6.57 1.19
CA PHE C 252 3.55 -6.98 2.59
C PHE C 252 2.52 -6.16 3.35
N ASN C 253 1.83 -6.81 4.29
CA ASN C 253 0.87 -6.11 5.11
C ASN C 253 1.38 -6.10 6.54
N ASP C 254 0.98 -5.08 7.29
CA ASP C 254 1.41 -4.94 8.67
C ASP C 254 0.58 -5.81 9.57
N ILE C 255 1.16 -6.17 10.72
CA ILE C 255 0.44 -6.94 11.73
C ILE C 255 -0.40 -5.89 12.44
N LEU C 256 -1.65 -6.22 12.72
CA LEU C 256 -2.56 -5.30 13.38
C LEU C 256 -2.79 -5.61 14.85
N GLU C 257 -2.46 -4.64 15.68
CA GLU C 257 -2.60 -4.78 17.12
C GLU C 257 -3.99 -4.33 17.59
N GLY C 258 -4.44 -4.99 18.66
CA GLY C 258 -5.70 -4.65 19.29
C GLY C 258 -7.01 -5.14 18.75
N ILE C 259 -7.00 -5.66 17.53
CA ILE C 259 -8.24 -6.12 16.94
C ILE C 259 -8.72 -7.46 17.45
N GLN C 260 -9.97 -7.46 17.90
CA GLN C 260 -10.63 -8.65 18.45
C GLN C 260 -12.03 -8.77 17.88
N THR C 261 -12.61 -7.66 17.47
CA THR C 261 -13.95 -7.67 16.91
C THR C 261 -14.16 -6.57 15.89
N LEU C 262 -15.05 -6.84 14.95
CA LEU C 262 -15.38 -5.91 13.89
C LEU C 262 -16.89 -6.03 13.71
N PRO C 263 -17.63 -4.96 13.98
CA PRO C 263 -17.08 -3.69 14.42
C PRO C 263 -16.43 -3.79 15.79
N PRO C 264 -15.51 -2.88 16.05
CA PRO C 264 -14.78 -2.84 17.32
C PRO C 264 -15.70 -2.59 18.48
N ALA C 265 -15.29 -3.02 19.67
CA ALA C 265 -16.12 -2.83 20.85
C ALA C 265 -16.37 -1.34 21.01
N ASN C 266 -17.58 -1.02 21.41
CA ASN C 266 -17.98 0.37 21.62
C ASN C 266 -18.42 0.99 20.30
N VAL C 267 -18.50 0.17 19.26
CA VAL C 267 -18.92 0.68 17.96
C VAL C 267 -20.22 0.04 17.54
N SER C 268 -21.22 0.87 17.25
CA SER C 268 -22.50 0.35 16.84
C SER C 268 -22.42 -0.20 15.44
N LEU C 269 -22.99 -1.38 15.25
CA LEU C 269 -22.96 -1.98 13.93
C LEU C 269 -23.82 -1.12 13.03
N GLY C 270 -23.37 -1.02 11.78
CA GLY C 270 -24.02 -0.24 10.73
C GLY C 270 -23.31 1.09 10.57
N SER C 271 -22.59 1.53 11.60
CA SER C 271 -21.90 2.80 11.50
C SER C 271 -20.82 2.49 10.47
N THR C 272 -20.24 1.31 10.65
CA THR C 272 -19.19 0.76 9.80
C THR C 272 -19.74 0.47 8.42
N GLY C 273 -21.00 0.03 8.40
CA GLY C 273 -21.69 -0.30 7.16
C GLY C 273 -21.56 -1.78 6.86
N GLN C 274 -20.93 -2.53 7.76
CA GLN C 274 -20.75 -3.95 7.56
C GLN C 274 -22.11 -4.59 7.72
N PRO C 275 -22.37 -5.68 7.01
CA PRO C 275 -23.68 -6.33 7.11
C PRO C 275 -23.81 -7.27 8.33
N PHE C 276 -22.70 -7.79 8.83
CA PHE C 276 -22.72 -8.66 10.01
C PHE C 276 -21.46 -8.46 10.83
N THR C 277 -21.30 -9.29 11.86
CA THR C 277 -20.16 -9.13 12.75
C THR C 277 -19.12 -10.23 12.81
N MET C 278 -17.90 -9.83 13.14
CA MET C 278 -16.76 -10.74 13.25
C MET C 278 -16.25 -10.73 14.69
N ASP C 279 -16.39 -11.85 15.39
CA ASP C 279 -15.93 -11.89 16.77
C ASP C 279 -14.93 -13.00 17.00
N SER C 280 -13.67 -12.62 17.21
CA SER C 280 -12.63 -13.61 17.44
C SER C 280 -12.62 -14.16 18.87
N GLY C 281 -13.33 -13.49 19.77
CA GLY C 281 -13.41 -13.94 21.15
C GLY C 281 -12.34 -13.45 22.09
N ALA C 282 -11.99 -14.29 23.05
CA ALA C 282 -10.99 -13.95 24.05
C ALA C 282 -9.68 -13.56 23.40
N GLU C 283 -9.11 -12.45 23.84
CA GLU C 283 -7.86 -12.00 23.27
C GLU C 283 -6.76 -13.03 23.55
N ALA C 284 -7.01 -13.89 24.52
CA ALA C 284 -6.03 -14.89 24.88
C ALA C 284 -6.18 -16.21 24.16
N THR C 285 -7.11 -16.27 23.20
CA THR C 285 -7.32 -17.51 22.45
C THR C 285 -7.31 -17.31 20.93
N SER C 286 -7.71 -16.13 20.48
CA SER C 286 -7.73 -15.84 19.05
C SER C 286 -7.79 -14.33 18.84
N GLY C 287 -7.77 -13.90 17.59
CA GLY C 287 -7.83 -12.49 17.30
C GLY C 287 -7.57 -12.20 15.85
N VAL C 288 -7.71 -10.95 15.46
CA VAL C 288 -7.47 -10.54 14.08
C VAL C 288 -6.17 -9.76 13.93
N VAL C 289 -5.16 -10.48 13.46
CA VAL C 289 -3.82 -9.92 13.31
C VAL C 289 -3.48 -9.22 12.01
N GLY C 290 -4.35 -9.33 11.01
CA GLY C 290 -4.09 -8.68 9.73
C GLY C 290 -5.04 -9.17 8.65
N TRP C 291 -4.98 -8.51 7.50
CA TRP C 291 -5.84 -8.89 6.39
C TRP C 291 -5.01 -8.99 5.12
N GLY C 292 -4.89 -10.20 4.60
CA GLY C 292 -4.12 -10.43 3.41
C GLY C 292 -4.79 -9.97 2.13
N ASN C 293 -4.02 -9.91 1.06
CA ASN C 293 -4.55 -9.49 -0.22
C ASN C 293 -5.02 -10.67 -1.05
N MET C 294 -5.90 -11.46 -0.45
CA MET C 294 -6.49 -12.63 -1.08
C MET C 294 -7.99 -12.43 -0.99
N ASP C 295 -8.70 -12.86 -2.02
CA ASP C 295 -10.15 -12.75 -1.99
C ASP C 295 -10.60 -13.77 -0.98
N THR C 296 -11.71 -13.50 -0.30
CA THR C 296 -12.19 -14.44 0.69
C THR C 296 -13.07 -15.51 0.09
N ILE C 297 -12.89 -16.75 0.52
CA ILE C 297 -13.71 -17.84 -0.01
C ILE C 297 -14.97 -18.08 0.81
N VAL C 298 -16.10 -18.04 0.13
CA VAL C 298 -17.39 -18.24 0.77
C VAL C 298 -17.97 -19.61 0.48
N ILE C 299 -18.36 -20.32 1.53
CA ILE C 299 -18.91 -21.65 1.39
C ILE C 299 -20.25 -21.86 2.08
N ARG C 300 -21.29 -22.08 1.31
CA ARG C 300 -22.59 -22.31 1.91
C ARG C 300 -22.95 -23.77 1.84
N VAL C 301 -23.09 -24.35 3.01
CA VAL C 301 -23.45 -25.75 3.11
C VAL C 301 -24.85 -25.83 3.69
N SER C 302 -25.85 -26.00 2.82
CA SER C 302 -27.24 -26.08 3.29
C SER C 302 -27.61 -27.51 3.66
N ALA C 303 -27.93 -27.72 4.94
CA ALA C 303 -28.32 -29.02 5.44
C ALA C 303 -29.83 -29.02 5.63
N PRO C 304 -30.55 -29.83 4.84
CA PRO C 304 -32.00 -29.89 4.95
C PRO C 304 -32.39 -30.51 6.27
N GLU C 305 -33.68 -30.55 6.53
CA GLU C 305 -34.20 -31.11 7.76
C GLU C 305 -33.92 -32.62 7.83
N GLY C 306 -33.52 -33.08 9.00
CA GLY C 306 -33.23 -34.49 9.23
C GLY C 306 -32.07 -35.07 8.44
N ALA C 307 -31.19 -34.21 7.96
CA ALA C 307 -30.07 -34.67 7.18
C ALA C 307 -28.79 -34.78 8.01
N VAL C 308 -28.17 -35.97 7.98
CA VAL C 308 -26.92 -36.21 8.71
C VAL C 308 -25.72 -35.94 7.80
N ASN C 309 -25.29 -34.68 7.77
CA ASN C 309 -24.16 -34.28 6.96
C ASN C 309 -22.94 -33.97 7.81
N SER C 310 -21.96 -34.86 7.81
CA SER C 310 -20.73 -34.64 8.58
C SER C 310 -19.61 -34.63 7.57
N ALA C 311 -18.44 -34.15 7.98
CA ALA C 311 -17.30 -34.10 7.09
C ALA C 311 -16.03 -33.72 7.80
N ILE C 312 -14.96 -33.62 7.01
CA ILE C 312 -13.67 -33.20 7.50
C ILE C 312 -13.24 -32.06 6.62
N LEU C 313 -12.81 -30.99 7.26
CA LEU C 313 -12.39 -29.82 6.53
C LEU C 313 -10.90 -29.68 6.70
N LYS C 314 -10.23 -29.33 5.60
CA LYS C 314 -8.80 -29.11 5.60
C LYS C 314 -8.51 -27.73 5.02
N ALA C 315 -7.52 -27.06 5.58
CA ALA C 315 -7.15 -25.74 5.11
C ALA C 315 -5.63 -25.60 5.05
N TRP C 316 -5.13 -24.99 3.98
CA TRP C 316 -3.69 -24.79 3.78
C TRP C 316 -3.38 -23.33 3.56
N SER C 317 -2.25 -22.87 4.08
CA SER C 317 -1.86 -21.48 3.92
C SER C 317 -0.36 -21.25 3.97
N CYS C 318 0.20 -20.92 2.82
CA CYS C 318 1.63 -20.64 2.71
C CYS C 318 1.68 -19.12 2.99
N ILE C 319 2.39 -18.72 4.05
CA ILE C 319 2.52 -17.29 4.39
C ILE C 319 3.97 -16.89 4.68
N GLU C 320 4.41 -15.80 4.07
CA GLU C 320 5.78 -15.31 4.28
C GLU C 320 5.68 -14.24 5.34
N TYR C 321 6.34 -14.47 6.48
CA TYR C 321 6.33 -13.46 7.54
C TYR C 321 7.72 -12.90 7.70
N ARG C 322 7.77 -11.66 8.16
CA ARG C 322 9.03 -11.00 8.41
C ARG C 322 9.27 -11.22 9.90
N PRO C 323 10.26 -12.06 10.24
CA PRO C 323 10.60 -12.38 11.64
C PRO C 323 11.35 -11.29 12.37
N ASN C 324 11.19 -11.30 13.69
CA ASN C 324 11.85 -10.35 14.55
C ASN C 324 13.01 -11.07 15.21
N PRO C 325 14.21 -10.49 15.15
CA PRO C 325 15.45 -11.04 15.72
C PRO C 325 15.34 -11.62 17.16
N ASN C 326 14.47 -11.02 17.96
CA ASN C 326 14.24 -11.44 19.32
C ASN C 326 13.38 -12.71 19.38
N ALA C 327 12.79 -13.10 18.25
CA ALA C 327 11.93 -14.28 18.16
C ALA C 327 12.76 -15.52 17.91
N MET C 328 12.33 -16.65 18.46
CA MET C 328 13.08 -17.89 18.28
C MET C 328 12.76 -18.36 16.87
N LEU C 329 11.53 -18.05 16.49
CA LEU C 329 11.03 -18.40 15.19
C LEU C 329 12.00 -17.94 14.08
N TYR C 330 12.66 -16.81 14.34
CA TYR C 330 13.62 -16.20 13.43
C TYR C 330 14.71 -17.16 12.97
N GLN C 331 14.93 -18.20 13.78
CA GLN C 331 15.95 -19.20 13.49
C GLN C 331 15.70 -19.85 12.15
N PHE C 332 14.43 -20.00 11.80
CA PHE C 332 14.04 -20.65 10.55
C PHE C 332 13.79 -19.72 9.38
N GLY C 333 14.42 -18.56 9.44
CA GLY C 333 14.26 -17.61 8.37
C GLY C 333 15.30 -17.82 7.29
N HIS C 334 14.92 -17.51 6.06
CA HIS C 334 15.80 -17.64 4.90
C HIS C 334 15.42 -16.49 3.96
N ASP C 335 16.25 -16.25 2.96
CA ASP C 335 15.97 -15.20 2.02
C ASP C 335 14.83 -15.61 1.13
N SER C 336 14.00 -14.66 0.74
CA SER C 336 12.87 -14.98 -0.11
C SER C 336 13.48 -15.39 -1.44
N PRO C 337 12.79 -16.23 -2.19
CA PRO C 337 13.31 -16.68 -3.47
C PRO C 337 13.48 -15.51 -4.43
N PRO C 338 14.48 -15.62 -5.29
CA PRO C 338 14.78 -14.58 -6.28
C PRO C 338 13.67 -14.54 -7.30
N LEU C 339 13.56 -13.44 -8.03
CA LEU C 339 12.52 -13.32 -9.04
C LEU C 339 12.55 -14.44 -10.05
N ASP C 340 11.37 -14.97 -10.34
CA ASP C 340 11.22 -16.06 -11.30
C ASP C 340 10.09 -15.59 -12.23
N GLU C 341 10.43 -14.65 -13.10
CA GLU C 341 9.45 -14.08 -14.02
C GLU C 341 8.44 -15.08 -14.57
N VAL C 342 8.91 -16.27 -14.94
CA VAL C 342 8.04 -17.30 -15.51
C VAL C 342 6.95 -17.78 -14.55
N ALA C 343 7.33 -18.09 -13.33
CA ALA C 343 6.37 -18.57 -12.34
C ALA C 343 5.31 -17.50 -12.03
N LEU C 344 5.75 -16.25 -11.93
CA LEU C 344 4.85 -15.15 -11.64
C LEU C 344 3.85 -14.94 -12.76
N GLN C 345 4.24 -15.31 -13.96
CA GLN C 345 3.37 -15.16 -15.10
C GLN C 345 2.47 -16.37 -15.22
N GLU C 346 2.95 -17.51 -14.71
CA GLU C 346 2.18 -18.75 -14.75
C GLU C 346 1.14 -18.72 -13.67
N TYR C 347 1.59 -18.36 -12.49
CA TYR C 347 0.73 -18.23 -11.34
C TYR C 347 -0.55 -17.56 -11.80
N ARG C 348 -0.38 -16.39 -12.42
CA ARG C 348 -1.49 -15.61 -12.91
C ARG C 348 -2.34 -16.36 -13.90
N THR C 349 -1.70 -17.04 -14.84
CA THR C 349 -2.42 -17.77 -15.87
C THR C 349 -3.19 -18.97 -15.30
N VAL C 350 -2.55 -19.74 -14.44
CA VAL C 350 -3.17 -20.91 -13.83
C VAL C 350 -4.40 -20.52 -13.02
N ALA C 351 -4.21 -19.52 -12.20
CA ALA C 351 -5.28 -19.02 -11.37
C ALA C 351 -6.50 -18.68 -12.23
N ARG C 352 -6.32 -17.81 -13.21
CA ARG C 352 -7.43 -17.42 -14.08
C ARG C 352 -8.14 -18.58 -14.74
N SER C 353 -7.40 -19.67 -14.97
CA SER C 353 -7.94 -20.85 -15.64
C SER C 353 -8.80 -21.75 -14.76
N LEU C 354 -8.22 -22.23 -13.68
CA LEU C 354 -8.92 -23.11 -12.75
C LEU C 354 -10.36 -22.71 -12.44
N PRO C 355 -11.22 -23.70 -12.15
CA PRO C 355 -12.63 -23.45 -11.84
C PRO C 355 -12.76 -22.82 -10.46
N VAL C 356 -13.93 -22.25 -10.18
CA VAL C 356 -14.16 -21.63 -8.89
C VAL C 356 -13.74 -22.64 -7.84
N ALA C 357 -14.24 -23.86 -8.02
CA ALA C 357 -13.93 -24.99 -7.16
C ALA C 357 -14.25 -26.28 -7.91
N VAL C 358 -13.90 -27.40 -7.29
CA VAL C 358 -14.13 -28.72 -7.87
C VAL C 358 -14.51 -29.68 -6.76
N ILE C 359 -15.12 -30.80 -7.12
CA ILE C 359 -15.50 -31.77 -6.10
C ILE C 359 -14.27 -32.32 -5.40
N ALA C 360 -14.46 -32.76 -4.17
CA ALA C 360 -13.36 -33.29 -3.36
C ALA C 360 -12.53 -34.32 -4.10
N ALA C 361 -13.20 -35.18 -4.86
CA ALA C 361 -12.50 -36.21 -5.60
C ALA C 361 -11.29 -35.72 -6.43
N GLN C 362 -11.47 -34.62 -7.16
CA GLN C 362 -10.40 -34.09 -8.00
C GLN C 362 -9.35 -33.31 -7.28
N THR C 363 -9.20 -33.56 -5.99
CA THR C 363 -8.20 -32.87 -5.19
C THR C 363 -6.82 -33.41 -5.56
N ALA C 364 -6.79 -34.70 -5.89
CA ALA C 364 -5.57 -35.38 -6.28
C ALA C 364 -5.12 -34.91 -7.66
N SER C 365 -6.01 -35.10 -8.63
CA SER C 365 -5.73 -34.71 -9.99
C SER C 365 -5.41 -33.21 -10.07
N MET C 366 -5.37 -32.55 -8.93
CA MET C 366 -5.10 -31.12 -8.91
C MET C 366 -3.74 -30.74 -9.45
N TRP C 367 -2.69 -31.25 -8.83
CA TRP C 367 -1.34 -30.92 -9.27
C TRP C 367 -1.19 -31.21 -10.76
N GLU C 368 -1.76 -32.33 -11.18
CA GLU C 368 -1.71 -32.73 -12.57
C GLU C 368 -2.47 -31.73 -13.43
N ARG C 369 -3.66 -31.38 -13.02
CA ARG C 369 -4.45 -30.44 -13.79
C ARG C 369 -3.66 -29.17 -13.99
N VAL C 370 -2.91 -28.78 -12.98
CA VAL C 370 -2.11 -27.57 -13.07
C VAL C 370 -0.98 -27.68 -14.08
N LYS C 371 -0.16 -28.72 -13.93
CA LYS C 371 0.98 -28.93 -14.80
C LYS C 371 0.58 -28.89 -16.26
N SER C 372 -0.57 -29.46 -16.57
CA SER C 372 -1.06 -29.47 -17.94
C SER C 372 -1.43 -28.06 -18.43
N ILE C 373 -1.98 -27.25 -17.54
CA ILE C 373 -2.37 -25.88 -17.88
C ILE C 373 -1.13 -25.07 -18.17
N ILE C 374 -0.07 -25.36 -17.42
CA ILE C 374 1.19 -24.69 -17.58
C ILE C 374 1.82 -25.06 -18.90
N LYS C 375 2.10 -26.35 -19.08
CA LYS C 375 2.71 -26.84 -20.32
C LYS C 375 1.90 -26.35 -21.53
N SER C 376 0.58 -26.27 -21.37
CA SER C 376 -0.32 -25.80 -22.43
C SER C 376 -0.10 -24.30 -22.70
N SER C 377 0.24 -23.56 -21.64
CA SER C 377 0.48 -22.12 -21.73
C SER C 377 1.87 -21.88 -22.32
N LEU C 378 2.85 -22.68 -21.89
CA LEU C 378 4.23 -22.57 -22.36
C LEU C 378 4.32 -22.95 -23.85
N ALA C 379 3.30 -23.64 -24.34
CA ALA C 379 3.28 -24.05 -25.74
C ALA C 379 2.94 -22.84 -26.60
N ALA C 380 1.87 -22.14 -26.23
CA ALA C 380 1.45 -20.95 -26.95
C ALA C 380 2.50 -19.84 -26.91
N ALA C 381 3.42 -19.91 -25.95
CA ALA C 381 4.49 -18.90 -25.80
C ALA C 381 5.61 -19.08 -26.83
N SER C 382 5.67 -20.26 -27.46
CA SER C 382 6.69 -20.55 -28.47
C SER C 382 6.22 -19.99 -29.82
N ASN C 383 4.91 -19.84 -29.97
CA ASN C 383 4.30 -19.32 -31.19
C ASN C 383 3.92 -17.85 -31.00
CA CA E . -0.51 21.52 5.26
CA CA F . 3.02 -2.40 -4.59
N1 EPE G . -22.48 12.80 8.56
C2 EPE G . -23.45 11.69 8.35
C3 EPE G . -24.91 12.23 8.41
N4 EPE G . -25.09 13.26 7.31
C5 EPE G . -24.13 14.37 7.54
C6 EPE G . -22.69 13.81 7.47
C7 EPE G . -26.49 13.79 7.37
C8 EPE G . -26.76 14.86 6.27
O8 EPE G . -26.74 14.31 4.96
C9 EPE G . -21.09 12.28 8.47
C10 EPE G . -20.08 13.43 8.71
S EPE G . -18.38 12.86 8.57
O1S EPE G . -18.06 11.89 9.55
O2S EPE G . -18.13 12.57 7.19
O3S EPE G . -17.49 14.05 8.85
CA CA H . 4.33 -5.75 21.03
CL CL I . 30.77 17.96 13.48
N1 EPE J . 1.61 18.10 20.34
C2 EPE J . 1.06 19.41 19.85
C3 EPE J . 1.77 20.56 20.61
N4 EPE J . 3.24 20.53 20.30
C5 EPE J . 3.79 19.22 20.79
C6 EPE J . 3.08 18.07 20.06
C7 EPE J . 3.95 21.64 21.02
C8 EPE J . 5.46 21.65 20.66
O8 EPE J . 6.28 21.58 21.83
C9 EPE J . 0.94 16.97 19.61
C10 EPE J . 1.52 15.63 20.13
S EPE J . 0.81 14.17 19.31
O1S EPE J . -0.56 13.95 19.59
O2S EPE J . 1.20 14.19 17.95
O3S EPE J . 1.51 12.99 19.94
CA CA K . -22.37 -2.12 3.70
S SO4 L . -10.35 7.99 17.16
O1 SO4 L . -8.90 7.96 17.46
O2 SO4 L . -10.82 6.61 16.84
O3 SO4 L . -11.10 8.50 18.32
O4 SO4 L . -10.59 8.87 15.99
N1 EPE M . -10.45 -5.85 24.31
C2 EPE M . -9.17 -6.50 24.70
C3 EPE M . -9.28 -7.04 26.15
N4 EPE M . -10.31 -8.12 26.17
C5 EPE M . -11.61 -7.46 25.80
C6 EPE M . -11.51 -6.92 24.37
C7 EPE M . -10.39 -8.66 27.57
C8 EPE M . -11.44 -9.81 27.66
O8 EPE M . -11.12 -10.89 26.73
C9 EPE M . -10.33 -5.37 22.90
C10 EPE M . -11.60 -4.63 22.42
S EPE M . -11.40 -4.10 20.69
O1S EPE M . -10.30 -3.23 20.52
O2S EPE M . -11.47 -5.26 19.87
O3S EPE M . -12.65 -3.32 20.31
#